data_4CQ9
#
_entry.id   4CQ9
#
_cell.length_a   53.762
_cell.length_b   135.445
_cell.length_c   67.873
_cell.angle_alpha   90.00
_cell.angle_beta   89.64
_cell.angle_gamma   90.00
#
_symmetry.space_group_name_H-M   'P 1 21 1'
#
loop_
_entity.id
_entity.type
_entity.pdbx_description
1 polymer 'DIHYDROOROTATE DEHYDROGENASE'
2 non-polymer 'FLAVIN MONONUCLEOTIDE'
3 non-polymer 'OROTIC ACID'
4 non-polymer 6-(3,4-dihydroisoquinolin-2(1H)-yl)-3-methyl-[1,2,4]triazolo[3,4-a]phthalazine
5 water water
#
_entity_poly.entity_id   1
_entity_poly.type   'polypeptide(L)'
_entity_poly.pdbx_seq_one_letter_code
;MGHHHHHHAENLYFQGADPFESYNPEFFLYDIFLKFCLKYIDGEICHDLFLLLGKYNILPYDTSNDSIYACTNIKHLDFI
NPFGVAAGFDKNGVCIDSILKLGFSFIEIGTITPRGQTGNAKPRIFRDVESRSIINSCGFNNMGCDKVTENLILFRKRQE
EDKLLSKHIVGVSIGKNKDTVNIVDDLKYCINKIGRYADYIAINVSSPNTPGLRDNQEAGKLKNIILSVKEEIDNLEKNN
IMNDEFLWFNTTKKKPLVFVKLAPDLNQEQKKEIADVLLETNIDGMIISNTTTQINDIKSFENKKGGVSGAKLKDISTKF
ICEMYNYTNKQIPIIASGGIFSGLDALEKIEAGASVCQLYSCLVFNGMKSAVQIKRELNHLLYQRGYYNLKEAIGRKHSK
S
;
_entity_poly.pdbx_strand_id   A,B
#
loop_
_chem_comp.id
_chem_comp.type
_chem_comp.name
_chem_comp.formula
FMN non-polymer 'FLAVIN MONONUCLEOTIDE' 'C17 H21 N4 O9 P'
ORO non-polymer 'OROTIC ACID' 'C5 H4 N2 O4'
XBL non-polymer 6-(3,4-dihydroisoquinolin-2(1H)-yl)-3-methyl-[1,2,4]triazolo[3,4-a]phthalazine 'C19 H17 N5'
#
# COMPACT_ATOMS: atom_id res chain seq x y z
N PHE A 28 22.24 -34.44 19.06
CA PHE A 28 23.03 -34.81 20.23
C PHE A 28 24.53 -34.56 19.99
N LEU A 29 25.06 -35.04 18.84
CA LEU A 29 26.45 -34.91 18.43
C LEU A 29 26.88 -33.44 18.32
N TYR A 30 26.10 -32.61 17.64
CA TYR A 30 26.39 -31.18 17.50
C TYR A 30 26.05 -30.37 18.76
N ASP A 31 25.18 -30.90 19.64
CA ASP A 31 24.77 -30.22 20.87
C ASP A 31 25.86 -30.28 21.92
N ILE A 32 26.54 -31.46 22.05
CA ILE A 32 27.67 -31.63 22.98
C ILE A 32 28.81 -30.69 22.53
N PHE A 33 29.16 -30.75 21.22
CA PHE A 33 30.19 -29.95 20.56
C PHE A 33 29.95 -28.44 20.62
N LEU A 34 28.67 -28.00 20.56
CA LEU A 34 28.32 -26.58 20.65
C LEU A 34 28.50 -26.03 22.07
N LYS A 35 28.18 -26.83 23.13
CA LYS A 35 28.31 -26.45 24.54
C LYS A 35 29.77 -26.11 24.85
N PHE A 36 30.68 -26.99 24.39
CA PHE A 36 32.12 -26.89 24.52
C PHE A 36 32.58 -25.64 23.78
N CYS A 37 32.07 -25.44 22.56
CA CYS A 37 32.40 -24.29 21.72
C CYS A 37 32.08 -22.96 22.40
N LEU A 38 30.90 -22.84 23.05
CA LEU A 38 30.46 -21.61 23.74
C LEU A 38 31.31 -21.25 24.95
N LYS A 39 31.88 -22.27 25.62
CA LYS A 39 32.66 -22.06 26.84
C LYS A 39 34.20 -22.12 26.61
N TYR A 40 34.68 -22.54 25.41
CA TYR A 40 36.12 -22.64 25.15
C TYR A 40 36.67 -21.96 23.87
N ILE A 41 35.84 -21.84 22.81
CA ILE A 41 36.27 -21.27 21.51
C ILE A 41 35.59 -19.91 21.22
N ASP A 42 36.35 -18.95 20.61
CA ASP A 42 35.91 -17.60 20.24
C ASP A 42 34.64 -17.61 19.39
N GLY A 43 33.73 -16.68 19.70
CA GLY A 43 32.41 -16.46 19.09
C GLY A 43 32.36 -16.45 17.57
N GLU A 44 33.28 -15.71 16.91
CA GLU A 44 33.30 -15.71 15.45
C GLU A 44 34.08 -16.89 14.86
N ILE A 45 35.07 -17.48 15.61
CA ILE A 45 35.75 -18.71 15.15
C ILE A 45 34.66 -19.77 15.06
N CYS A 46 33.86 -19.97 16.14
CA CYS A 46 32.75 -20.92 16.21
C CYS A 46 31.85 -20.79 15.00
N HIS A 47 31.42 -19.54 14.75
CA HIS A 47 30.57 -19.06 13.67
C HIS A 47 31.17 -19.41 12.32
N ASP A 48 32.48 -19.14 12.10
CA ASP A 48 33.17 -19.45 10.84
C ASP A 48 33.43 -20.96 10.70
N LEU A 49 33.42 -21.70 11.83
CA LEU A 49 33.67 -23.13 11.87
C LEU A 49 32.47 -23.90 11.44
N PHE A 50 31.29 -23.60 12.03
CA PHE A 50 30.04 -24.26 11.70
C PHE A 50 29.58 -23.97 10.27
N LEU A 51 29.77 -22.71 9.80
CA LEU A 51 29.50 -22.25 8.42
C LEU A 51 30.34 -23.06 7.42
N LEU A 52 31.59 -23.41 7.82
CA LEU A 52 32.47 -24.24 7.01
C LEU A 52 31.90 -25.65 6.97
N LEU A 53 31.47 -26.21 8.13
CA LEU A 53 30.81 -27.52 8.19
C LEU A 53 29.42 -27.51 7.48
N GLY A 54 29.02 -26.33 7.02
CA GLY A 54 27.79 -26.13 6.26
C GLY A 54 28.02 -26.12 4.76
N LYS A 55 29.08 -25.44 4.30
CA LYS A 55 29.51 -25.33 2.91
C LYS A 55 29.89 -26.73 2.34
N TYR A 56 30.28 -27.67 3.22
CA TYR A 56 30.67 -29.05 2.86
C TYR A 56 29.57 -30.06 3.18
N ASN A 57 28.35 -29.55 3.41
CA ASN A 57 27.10 -30.26 3.70
C ASN A 57 27.26 -31.40 4.75
N ILE A 58 27.86 -31.09 5.92
CA ILE A 58 28.02 -32.09 7.00
C ILE A 58 27.28 -31.66 8.28
N LEU A 59 26.47 -30.61 8.20
CA LEU A 59 25.64 -30.16 9.33
C LEU A 59 24.42 -31.11 9.42
N PRO A 60 23.70 -31.22 10.57
CA PRO A 60 22.51 -32.10 10.60
C PRO A 60 21.37 -31.64 9.69
N TYR A 61 20.35 -32.50 9.52
CA TYR A 61 19.15 -32.27 8.72
C TYR A 61 17.90 -32.38 9.59
N ASP A 62 16.89 -31.56 9.28
CA ASP A 62 15.58 -31.60 9.91
C ASP A 62 14.61 -31.94 8.81
N THR A 63 14.09 -33.15 8.87
CA THR A 63 13.20 -33.65 7.84
C THR A 63 11.79 -33.73 8.35
N SER A 64 10.91 -33.01 7.67
CA SER A 64 9.48 -32.89 7.95
C SER A 64 8.86 -32.00 6.89
N ASN A 65 7.63 -32.33 6.45
CA ASN A 65 6.93 -31.47 5.49
C ASN A 65 6.35 -30.22 6.17
N ASP A 66 6.36 -30.21 7.53
CA ASP A 66 5.86 -29.15 8.42
C ASP A 66 4.34 -28.99 8.28
N SER A 67 3.62 -29.06 9.41
CA SER A 67 2.15 -28.94 9.40
C SER A 67 1.73 -27.57 8.82
N ILE A 68 0.65 -27.56 7.97
CA ILE A 68 0.11 -26.34 7.33
C ILE A 68 -0.52 -25.41 8.39
N TYR A 69 -0.68 -25.96 9.59
CA TYR A 69 -1.15 -25.40 10.85
C TYR A 69 -0.33 -24.15 11.24
N ALA A 70 0.99 -24.21 11.00
CA ALA A 70 1.99 -23.20 11.27
C ALA A 70 2.36 -22.40 9.99
N CYS A 71 1.70 -22.67 8.88
CA CYS A 71 1.95 -21.92 7.65
C CYS A 71 1.56 -20.47 7.84
N THR A 72 2.41 -19.60 7.33
CA THR A 72 2.18 -18.17 7.41
C THR A 72 2.54 -17.56 6.07
N ASN A 73 2.12 -16.31 5.85
CA ASN A 73 2.46 -15.60 4.64
C ASN A 73 2.53 -14.11 4.87
N ILE A 74 3.36 -13.44 4.06
CA ILE A 74 3.50 -11.99 3.98
C ILE A 74 3.29 -11.76 2.48
N LYS A 75 2.08 -11.30 2.10
CA LYS A 75 1.65 -11.12 0.70
C LYS A 75 1.80 -12.51 0.01
N HIS A 76 2.50 -12.58 -1.13
CA HIS A 76 2.73 -13.82 -1.88
C HIS A 76 3.81 -14.74 -1.31
N LEU A 77 4.60 -14.26 -0.31
CA LEU A 77 5.70 -15.01 0.31
C LEU A 77 5.12 -16.13 1.17
N ASP A 78 5.12 -17.37 0.65
CA ASP A 78 4.56 -18.52 1.36
C ASP A 78 5.61 -19.27 2.19
N PHE A 79 5.57 -19.05 3.53
CA PHE A 79 6.48 -19.68 4.49
C PHE A 79 5.89 -21.02 4.95
N ILE A 80 6.66 -22.12 4.80
CA ILE A 80 6.30 -23.51 5.15
C ILE A 80 6.14 -23.68 6.67
N ASN A 81 6.90 -22.89 7.41
CA ASN A 81 6.91 -22.80 8.86
C ASN A 81 7.20 -21.35 9.24
N PRO A 82 6.83 -20.87 10.45
CA PRO A 82 7.08 -19.45 10.78
C PRO A 82 8.50 -19.06 11.16
N PHE A 83 9.48 -19.97 11.09
CA PHE A 83 10.85 -19.70 11.53
C PHE A 83 11.86 -19.62 10.42
N GLY A 84 12.62 -18.53 10.45
CA GLY A 84 13.69 -18.25 9.51
C GLY A 84 14.91 -17.73 10.22
N VAL A 85 16.04 -17.67 9.51
CA VAL A 85 17.31 -17.22 10.07
C VAL A 85 17.51 -15.78 9.70
N ALA A 86 17.66 -14.90 10.72
CA ALA A 86 17.86 -13.44 10.58
C ALA A 86 19.15 -13.09 9.88
N ALA A 87 19.30 -11.82 9.49
CA ALA A 87 20.51 -11.37 8.79
C ALA A 87 21.75 -11.40 9.71
N GLY A 88 22.93 -11.48 9.12
CA GLY A 88 24.20 -11.52 9.84
C GLY A 88 24.75 -12.90 10.16
N PHE A 89 24.01 -13.95 9.79
CA PHE A 89 24.34 -15.35 10.03
C PHE A 89 25.08 -15.90 8.81
N ASP A 90 24.46 -15.72 7.62
CA ASP A 90 25.06 -16.06 6.33
C ASP A 90 25.15 -14.76 5.50
N LYS A 91 25.97 -13.82 6.02
CA LYS A 91 26.31 -12.52 5.44
C LYS A 91 26.60 -12.61 3.95
N ASN A 92 27.42 -13.63 3.57
CA ASN A 92 27.88 -13.92 2.21
C ASN A 92 27.11 -14.94 1.37
N GLY A 93 26.07 -15.55 1.94
CA GLY A 93 25.26 -16.56 1.25
C GLY A 93 26.07 -17.75 0.75
N VAL A 94 27.00 -18.26 1.58
CA VAL A 94 27.94 -19.36 1.30
C VAL A 94 27.46 -20.67 1.93
N CYS A 95 26.32 -20.63 2.63
CA CYS A 95 25.80 -21.73 3.44
C CYS A 95 24.26 -21.89 3.39
N ILE A 96 23.57 -21.18 2.46
CA ILE A 96 22.10 -21.14 2.32
C ILE A 96 21.42 -22.52 2.48
N ASP A 97 21.83 -23.56 1.71
CA ASP A 97 21.23 -24.91 1.72
C ASP A 97 21.26 -25.59 3.08
N SER A 98 22.44 -25.58 3.72
CA SER A 98 22.65 -26.27 5.00
C SER A 98 21.95 -25.59 6.15
N ILE A 99 21.78 -24.26 6.08
CA ILE A 99 21.13 -23.50 7.14
C ILE A 99 19.60 -23.71 7.03
N LEU A 100 19.05 -23.58 5.82
CA LEU A 100 17.63 -23.82 5.52
C LEU A 100 17.25 -25.27 5.85
N LYS A 101 18.13 -26.27 5.54
CA LYS A 101 17.94 -27.69 5.83
C LYS A 101 17.95 -28.04 7.34
N LEU A 102 18.17 -27.05 8.24
CA LEU A 102 18.16 -27.24 9.70
C LEU A 102 16.73 -27.13 10.25
N GLY A 103 15.75 -26.85 9.39
CA GLY A 103 14.33 -26.73 9.72
C GLY A 103 13.74 -25.35 9.55
N PHE A 104 14.44 -24.47 8.82
CA PHE A 104 13.98 -23.11 8.60
C PHE A 104 13.33 -22.99 7.22
N SER A 105 12.35 -22.06 7.08
CA SER A 105 11.60 -21.78 5.85
C SER A 105 12.26 -20.68 4.99
N PHE A 106 13.04 -19.81 5.63
CA PHE A 106 13.67 -18.68 4.95
C PHE A 106 14.94 -18.23 5.60
N ILE A 107 15.77 -17.56 4.83
CA ILE A 107 17.03 -16.99 5.29
C ILE A 107 17.17 -15.58 4.76
N GLU A 108 17.56 -14.64 5.61
CA GLU A 108 17.87 -13.28 5.16
C GLU A 108 19.37 -13.26 5.06
N ILE A 109 19.89 -13.27 3.83
CA ILE A 109 21.34 -13.26 3.69
C ILE A 109 21.81 -11.78 3.72
N GLY A 110 23.03 -11.55 4.15
CA GLY A 110 23.56 -10.22 4.30
C GLY A 110 23.80 -9.89 5.77
N THR A 111 23.96 -8.62 6.14
CA THR A 111 23.85 -7.46 5.25
C THR A 111 24.97 -7.36 4.23
N ILE A 112 24.58 -7.15 2.95
CA ILE A 112 25.51 -6.95 1.86
C ILE A 112 25.70 -5.46 1.62
N THR A 113 26.91 -5.08 1.19
CA THR A 113 27.29 -3.70 0.85
C THR A 113 27.82 -3.77 -0.59
N PRO A 114 27.73 -2.68 -1.42
CA PRO A 114 28.28 -2.75 -2.80
C PRO A 114 29.69 -3.34 -2.90
N ARG A 115 30.63 -2.83 -2.09
CA ARG A 115 32.03 -3.30 -2.05
C ARG A 115 32.20 -4.12 -0.78
N GLY A 116 33.08 -5.09 -0.81
CA GLY A 116 33.36 -5.93 0.35
C GLY A 116 33.97 -5.16 1.49
N GLN A 117 33.77 -5.64 2.72
CA GLN A 117 34.28 -4.99 3.91
C GLN A 117 34.80 -6.00 4.90
N THR A 118 35.92 -5.68 5.57
CA THR A 118 36.49 -6.54 6.60
C THR A 118 35.82 -6.28 7.95
N GLY A 119 35.08 -5.18 8.03
CA GLY A 119 34.33 -4.74 9.20
C GLY A 119 35.19 -4.04 10.21
N ASN A 120 34.88 -4.24 11.49
CA ASN A 120 35.61 -3.63 12.61
C ASN A 120 36.62 -4.60 13.22
N ALA A 121 37.48 -4.10 14.14
CA ALA A 121 38.51 -4.89 14.82
C ALA A 121 37.93 -6.04 15.63
N LYS A 122 38.60 -7.20 15.57
CA LYS A 122 38.22 -8.42 16.28
C LYS A 122 38.89 -8.44 17.67
N PRO A 123 38.28 -8.99 18.76
CA PRO A 123 36.98 -9.67 18.85
C PRO A 123 35.81 -8.69 18.85
N ARG A 124 34.79 -8.99 18.01
CA ARG A 124 33.62 -8.16 17.79
C ARG A 124 32.27 -8.93 18.05
N ILE A 125 32.38 -10.14 18.63
CA ILE A 125 31.22 -10.97 19.01
C ILE A 125 31.51 -11.53 20.39
N PHE A 126 30.59 -11.31 21.35
CA PHE A 126 30.70 -11.78 22.74
C PHE A 126 29.38 -12.32 23.21
N ARG A 127 29.42 -13.36 24.07
CA ARG A 127 28.22 -14.01 24.60
C ARG A 127 28.27 -14.28 26.11
N ASP A 128 27.12 -14.05 26.77
CA ASP A 128 26.86 -14.35 28.17
C ASP A 128 25.85 -15.52 28.14
N VAL A 129 26.27 -16.68 28.69
CA VAL A 129 25.48 -17.91 28.69
C VAL A 129 24.36 -17.88 29.75
N GLU A 130 24.66 -17.34 30.95
CA GLU A 130 23.67 -17.24 32.04
C GLU A 130 22.43 -16.41 31.65
N SER A 131 22.63 -15.29 30.93
CA SER A 131 21.55 -14.39 30.49
C SER A 131 21.13 -14.59 29.03
N ARG A 132 21.76 -15.56 28.31
CA ARG A 132 21.51 -15.92 26.90
C ARG A 132 21.51 -14.71 25.96
N SER A 133 22.61 -13.92 25.97
CA SER A 133 22.71 -12.71 25.16
C SER A 133 24.01 -12.63 24.35
N ILE A 134 24.00 -11.86 23.23
CA ILE A 134 25.17 -11.58 22.36
C ILE A 134 25.35 -10.04 22.16
N ILE A 135 26.60 -9.56 22.21
CA ILE A 135 26.96 -8.16 21.90
C ILE A 135 27.86 -8.21 20.63
N ASN A 136 27.62 -7.32 19.65
CA ASN A 136 28.40 -7.35 18.41
C ASN A 136 28.66 -6.00 17.79
N SER A 137 29.90 -5.81 17.36
CA SER A 137 30.38 -4.63 16.65
C SER A 137 31.13 -5.12 15.39
N CYS A 138 30.43 -5.91 14.55
CA CYS A 138 30.93 -6.49 13.29
C CYS A 138 31.23 -5.39 12.28
N GLY A 139 30.25 -4.52 12.05
CA GLY A 139 30.36 -3.41 11.11
C GLY A 139 30.33 -3.85 9.66
N PHE A 140 29.28 -4.60 9.28
CA PHE A 140 29.05 -5.14 7.94
C PHE A 140 30.30 -5.78 7.37
N ASN A 141 30.62 -6.98 7.84
CA ASN A 141 31.76 -7.70 7.32
C ASN A 141 31.18 -8.59 6.24
N ASN A 142 31.52 -8.34 4.96
CA ASN A 142 31.01 -9.15 3.85
C ASN A 142 31.95 -9.13 2.65
N MET A 143 31.78 -10.07 1.73
CA MET A 143 32.55 -10.26 0.51
C MET A 143 32.21 -9.25 -0.59
N GLY A 144 31.13 -8.50 -0.41
CA GLY A 144 30.68 -7.52 -1.39
C GLY A 144 29.51 -8.04 -2.18
N CYS A 145 28.65 -7.13 -2.64
CA CYS A 145 27.44 -7.47 -3.38
C CYS A 145 27.68 -8.40 -4.59
N ASP A 146 28.74 -8.15 -5.40
CA ASP A 146 29.02 -8.95 -6.61
C ASP A 146 29.29 -10.43 -6.36
N LYS A 147 30.11 -10.74 -5.33
CA LYS A 147 30.50 -12.11 -4.97
C LYS A 147 29.34 -12.84 -4.34
N VAL A 148 28.56 -12.14 -3.49
CA VAL A 148 27.38 -12.68 -2.80
C VAL A 148 26.31 -13.03 -3.84
N THR A 149 26.15 -12.16 -4.88
CA THR A 149 25.23 -12.40 -6.01
C THR A 149 25.54 -13.74 -6.67
N GLU A 150 26.84 -14.00 -6.97
CA GLU A 150 27.31 -15.25 -7.57
C GLU A 150 27.04 -16.45 -6.67
N ASN A 151 27.09 -16.25 -5.34
CA ASN A 151 26.80 -17.28 -4.34
C ASN A 151 25.31 -17.58 -4.29
N LEU A 152 24.46 -16.56 -4.51
CA LEU A 152 23.02 -16.73 -4.58
C LEU A 152 22.63 -17.37 -5.92
N ILE A 153 23.27 -16.97 -7.03
CA ILE A 153 23.03 -17.54 -8.38
C ILE A 153 23.20 -19.06 -8.31
N LEU A 154 24.30 -19.53 -7.65
CA LEU A 154 24.61 -20.95 -7.48
C LEU A 154 23.58 -21.69 -6.62
N PHE A 155 23.03 -21.03 -5.56
CA PHE A 155 21.99 -21.67 -4.76
C PHE A 155 20.70 -21.73 -5.58
N ARG A 156 20.36 -20.62 -6.29
CA ARG A 156 19.17 -20.55 -7.13
C ARG A 156 19.21 -21.57 -8.25
N LYS A 157 20.42 -21.90 -8.74
CA LYS A 157 20.66 -22.93 -9.76
C LYS A 157 20.47 -24.31 -9.14
N ARG A 158 20.93 -24.52 -7.89
CA ARG A 158 20.75 -25.79 -7.16
C ARG A 158 19.26 -26.05 -6.89
N GLN A 159 18.53 -24.98 -6.46
CA GLN A 159 17.10 -24.93 -6.17
C GLN A 159 16.23 -25.44 -7.32
N GLU A 160 16.77 -25.44 -8.55
CA GLU A 160 16.06 -25.93 -9.73
C GLU A 160 16.08 -27.46 -9.81
N GLU A 161 17.27 -28.06 -9.60
CA GLU A 161 17.48 -29.51 -9.58
C GLU A 161 16.92 -30.12 -8.29
N ASP A 162 17.32 -29.57 -7.12
CA ASP A 162 16.90 -30.00 -5.77
C ASP A 162 15.47 -29.52 -5.49
N LYS A 163 14.52 -30.45 -5.40
CA LYS A 163 13.11 -30.16 -5.14
C LYS A 163 12.83 -29.81 -3.68
N LEU A 164 13.68 -30.30 -2.75
CA LEU A 164 13.54 -30.12 -1.31
C LEU A 164 13.68 -28.67 -0.85
N LEU A 165 14.32 -27.79 -1.66
CA LEU A 165 14.48 -26.38 -1.34
C LEU A 165 13.67 -25.42 -2.26
N SER A 166 12.74 -25.97 -3.08
CA SER A 166 11.93 -25.22 -4.05
C SER A 166 10.90 -24.25 -3.43
N LYS A 167 10.49 -24.47 -2.17
CA LYS A 167 9.51 -23.59 -1.50
C LYS A 167 10.14 -22.77 -0.35
N HIS A 168 11.48 -22.85 -0.22
CA HIS A 168 12.28 -22.13 0.77
C HIS A 168 12.62 -20.76 0.20
N ILE A 169 12.22 -19.69 0.94
CA ILE A 169 12.43 -18.29 0.56
C ILE A 169 13.81 -17.78 1.01
N VAL A 170 14.46 -16.99 0.16
CA VAL A 170 15.73 -16.35 0.47
C VAL A 170 15.58 -14.83 0.31
N GLY A 171 15.74 -14.13 1.42
CA GLY A 171 15.73 -12.69 1.47
C GLY A 171 17.14 -12.18 1.44
N VAL A 172 17.33 -10.91 1.09
CA VAL A 172 18.63 -10.25 1.03
C VAL A 172 18.54 -8.92 1.79
N SER A 173 19.44 -8.71 2.76
CA SER A 173 19.53 -7.45 3.53
C SER A 173 20.58 -6.60 2.84
N ILE A 174 20.18 -5.40 2.38
CA ILE A 174 21.09 -4.48 1.68
C ILE A 174 21.43 -3.28 2.54
N GLY A 175 22.72 -2.95 2.56
CA GLY A 175 23.25 -1.84 3.34
C GLY A 175 24.14 -0.89 2.57
N LYS A 176 24.95 -0.13 3.33
CA LYS A 176 25.90 0.84 2.79
C LYS A 176 27.34 0.62 3.31
N ASN A 177 28.35 1.03 2.54
CA ASN A 177 29.75 0.91 2.94
C ASN A 177 30.03 2.00 3.95
N LYS A 178 31.00 1.75 4.85
CA LYS A 178 31.44 2.65 5.92
C LYS A 178 31.54 4.11 5.44
N ASP A 179 32.45 4.35 4.47
CA ASP A 179 32.84 5.64 3.90
C ASP A 179 31.82 6.29 2.93
N THR A 180 30.74 5.60 2.53
CA THR A 180 29.74 6.17 1.61
C THR A 180 28.84 7.22 2.33
N VAL A 181 28.76 8.45 1.76
CA VAL A 181 27.97 9.56 2.30
C VAL A 181 26.48 9.49 1.87
N ASN A 182 26.18 8.84 0.73
CA ASN A 182 24.82 8.74 0.19
C ASN A 182 24.38 7.30 0.15
N ILE A 183 23.63 6.86 1.19
CA ILE A 183 23.11 5.51 1.39
C ILE A 183 22.38 4.97 0.14
N VAL A 184 21.58 5.84 -0.50
CA VAL A 184 20.73 5.52 -1.66
C VAL A 184 21.52 4.89 -2.81
N ASP A 185 22.60 5.53 -3.27
CA ASP A 185 23.46 5.06 -4.35
C ASP A 185 23.88 3.59 -4.18
N ASP A 186 24.22 3.22 -2.93
CA ASP A 186 24.63 1.90 -2.47
C ASP A 186 23.51 0.91 -2.51
N LEU A 187 22.31 1.32 -2.05
CA LEU A 187 21.11 0.48 -2.02
C LEU A 187 20.64 0.21 -3.44
N LYS A 188 20.62 1.23 -4.33
CA LYS A 188 20.25 1.11 -5.74
C LYS A 188 21.26 0.25 -6.52
N TYR A 189 22.55 0.26 -6.12
CA TYR A 189 23.62 -0.57 -6.72
C TYR A 189 23.34 -2.02 -6.45
N CYS A 190 23.03 -2.35 -5.17
CA CYS A 190 22.76 -3.69 -4.70
C CYS A 190 21.59 -4.35 -5.40
N ILE A 191 20.52 -3.57 -5.64
CA ILE A 191 19.31 -4.00 -6.30
C ILE A 191 19.62 -4.42 -7.72
N ASN A 192 20.38 -3.61 -8.45
CA ASN A 192 20.71 -3.89 -9.85
C ASN A 192 21.55 -5.17 -10.07
N LYS A 193 22.19 -5.72 -9.01
CA LYS A 193 23.00 -6.93 -9.11
C LYS A 193 22.32 -8.19 -8.50
N ILE A 194 21.82 -8.12 -7.24
CA ILE A 194 21.21 -9.25 -6.51
C ILE A 194 19.65 -9.27 -6.50
N GLY A 195 19.01 -8.21 -6.99
CA GLY A 195 17.56 -8.06 -6.99
C GLY A 195 16.75 -9.11 -7.72
N ARG A 196 17.30 -9.66 -8.82
CA ARG A 196 16.66 -10.68 -9.65
C ARG A 196 16.56 -12.03 -8.94
N TYR A 197 17.35 -12.23 -7.88
CA TYR A 197 17.45 -13.51 -7.19
C TYR A 197 16.91 -13.47 -5.75
N ALA A 198 16.38 -12.33 -5.32
CA ALA A 198 15.81 -12.15 -3.97
C ALA A 198 14.30 -12.25 -3.99
N ASP A 199 13.74 -12.88 -2.96
CA ASP A 199 12.29 -13.02 -2.77
C ASP A 199 11.81 -11.78 -2.06
N TYR A 200 12.72 -11.17 -1.30
CA TYR A 200 12.54 -9.92 -0.58
C TYR A 200 13.86 -9.22 -0.35
N ILE A 201 13.77 -7.90 -0.26
CA ILE A 201 14.88 -7.03 0.01
C ILE A 201 14.60 -6.38 1.36
N ALA A 202 15.54 -6.48 2.28
CA ALA A 202 15.50 -5.85 3.60
C ALA A 202 16.42 -4.65 3.60
N ILE A 203 15.91 -3.50 4.02
CA ILE A 203 16.69 -2.27 4.10
C ILE A 203 17.26 -2.18 5.54
N ASN A 204 18.58 -2.32 5.66
CA ASN A 204 19.20 -2.22 6.97
C ASN A 204 19.57 -0.76 7.28
N VAL A 205 18.66 -0.06 7.97
CA VAL A 205 18.83 1.31 8.45
C VAL A 205 19.00 1.29 9.98
N SER A 206 19.17 0.10 10.58
CA SER A 206 19.26 -0.07 12.02
C SER A 206 20.60 -0.56 12.59
N SER A 207 21.70 -0.57 11.81
CA SER A 207 22.97 -1.02 12.37
C SER A 207 23.61 -0.02 13.32
N PRO A 208 23.93 -0.44 14.57
CA PRO A 208 24.61 0.49 15.49
C PRO A 208 26.12 0.61 15.26
N ASN A 209 26.69 -0.34 14.48
CA ASN A 209 28.11 -0.46 14.16
C ASN A 209 28.50 0.16 12.82
N THR A 210 27.52 0.79 12.13
CA THR A 210 27.79 1.56 10.91
C THR A 210 27.53 3.00 11.28
N PRO A 211 28.61 3.77 11.60
CA PRO A 211 28.44 5.18 12.02
C PRO A 211 27.52 6.06 11.15
N GLY A 212 26.53 6.65 11.80
CA GLY A 212 25.50 7.50 11.20
C GLY A 212 24.39 6.81 10.42
N LEU A 213 24.25 5.45 10.52
CA LEU A 213 23.23 4.71 9.76
C LEU A 213 21.82 4.80 10.35
N ARG A 214 21.71 4.83 11.68
CA ARG A 214 20.41 4.91 12.32
C ARG A 214 19.72 6.26 12.05
N ASP A 215 20.49 7.27 11.61
CA ASP A 215 20.00 8.59 11.22
C ASP A 215 19.12 8.52 9.97
N ASN A 216 19.16 7.38 9.26
CA ASN A 216 18.38 7.10 8.05
C ASN A 216 16.94 6.66 8.36
N GLN A 217 16.66 6.35 9.65
CA GLN A 217 15.33 5.95 10.15
C GLN A 217 14.40 7.18 10.31
N GLU A 218 14.99 8.43 10.29
CA GLU A 218 14.24 9.68 10.35
C GLU A 218 13.22 9.68 9.20
N ALA A 219 11.95 10.01 9.51
CA ALA A 219 10.80 10.00 8.59
C ALA A 219 11.11 10.43 7.14
N GLY A 220 11.61 11.66 6.96
CA GLY A 220 11.95 12.22 5.66
C GLY A 220 12.97 11.41 4.87
N LYS A 221 14.12 11.08 5.52
CA LYS A 221 15.21 10.30 4.91
C LYS A 221 14.73 8.90 4.50
N LEU A 222 14.03 8.19 5.41
CA LEU A 222 13.46 6.86 5.19
C LEU A 222 12.43 6.87 4.07
N LYS A 223 11.67 7.96 3.92
CA LYS A 223 10.67 8.11 2.85
C LYS A 223 11.38 8.09 1.49
N ASN A 224 12.50 8.84 1.37
CA ASN A 224 13.34 8.92 0.17
C ASN A 224 14.00 7.55 -0.09
N ILE A 225 14.57 6.94 0.98
CA ILE A 225 15.19 5.63 0.93
C ILE A 225 14.24 4.59 0.32
N ILE A 226 13.10 4.26 1.00
CA ILE A 226 12.08 3.31 0.57
C ILE A 226 11.62 3.57 -0.87
N LEU A 227 11.25 4.82 -1.17
CA LEU A 227 10.76 5.21 -2.49
C LEU A 227 11.76 4.95 -3.59
N SER A 228 13.02 5.42 -3.40
CA SER A 228 14.13 5.22 -4.34
C SER A 228 14.45 3.72 -4.53
N VAL A 229 14.35 2.90 -3.45
CA VAL A 229 14.59 1.44 -3.43
C VAL A 229 13.48 0.73 -4.22
N LYS A 230 12.22 1.13 -3.97
CA LYS A 230 11.03 0.62 -4.64
C LYS A 230 11.02 1.00 -6.12
N GLU A 231 11.45 2.22 -6.46
CA GLU A 231 11.59 2.70 -7.83
C GLU A 231 12.59 1.83 -8.57
N GLU A 232 13.75 1.52 -7.94
CA GLU A 232 14.82 0.70 -8.50
C GLU A 232 14.43 -0.77 -8.74
N ILE A 233 13.55 -1.38 -7.86
CA ILE A 233 13.02 -2.74 -8.01
C ILE A 233 12.04 -2.75 -9.19
N ASP A 234 11.14 -1.76 -9.24
CA ASP A 234 10.18 -1.49 -10.30
C ASP A 234 10.87 -1.32 -11.65
N ASN A 235 11.99 -0.56 -11.69
CA ASN A 235 12.85 -0.30 -12.86
C ASN A 235 13.49 -1.56 -13.46
N LEU A 236 13.87 -2.57 -12.61
CA LEU A 236 14.43 -3.86 -13.07
C LEU A 236 13.44 -4.54 -14.00
N GLU A 237 12.14 -4.50 -13.64
CA GLU A 237 10.99 -5.07 -14.37
C GLU A 237 10.72 -4.27 -15.66
N LYS A 238 10.87 -2.92 -15.59
CA LYS A 238 10.67 -1.97 -16.70
C LYS A 238 11.79 -2.08 -17.75
N ASN A 239 13.05 -2.31 -17.30
CA ASN A 239 14.26 -2.34 -18.14
C ASN A 239 14.67 -3.73 -18.58
N ASN A 240 14.57 -4.72 -17.67
CA ASN A 240 14.92 -6.11 -17.93
C ASN A 240 13.67 -6.99 -17.87
N PHE A 246 11.75 -15.87 -16.19
CA PHE A 246 13.17 -15.77 -16.53
C PHE A 246 13.85 -14.67 -15.70
N LEU A 247 13.25 -13.45 -15.65
CA LEU A 247 13.80 -12.29 -14.92
C LEU A 247 13.89 -12.50 -13.40
N TRP A 248 12.80 -12.95 -12.79
CA TRP A 248 12.83 -13.18 -11.37
C TRP A 248 13.23 -14.63 -11.10
N PHE A 249 14.54 -14.83 -10.94
CA PHE A 249 15.19 -16.12 -10.68
C PHE A 249 15.25 -16.34 -9.16
N ASN A 250 14.08 -16.36 -8.52
CA ASN A 250 13.89 -16.53 -7.09
C ASN A 250 12.91 -17.68 -6.81
N THR A 251 12.29 -17.73 -5.64
CA THR A 251 11.34 -18.76 -5.28
C THR A 251 9.97 -18.36 -5.81
N THR A 252 9.63 -17.11 -5.59
CA THR A 252 8.35 -16.54 -5.95
C THR A 252 8.08 -16.38 -7.48
N LYS A 253 9.15 -16.22 -8.31
CA LYS A 253 9.05 -15.95 -9.76
C LYS A 253 8.41 -14.56 -10.00
N LYS A 254 8.33 -13.75 -8.91
CA LYS A 254 7.79 -12.39 -8.80
C LYS A 254 8.88 -11.45 -8.29
N LYS A 255 8.70 -10.12 -8.47
CA LYS A 255 9.66 -9.09 -8.03
C LYS A 255 9.84 -9.08 -6.50
N PRO A 256 11.06 -8.91 -5.93
CA PRO A 256 11.20 -8.96 -4.47
C PRO A 256 10.36 -7.96 -3.68
N LEU A 257 9.81 -8.39 -2.53
CA LEU A 257 9.04 -7.55 -1.61
C LEU A 257 10.04 -6.65 -0.88
N VAL A 258 9.60 -5.52 -0.30
CA VAL A 258 10.54 -4.65 0.41
C VAL A 258 10.19 -4.58 1.89
N PHE A 259 11.16 -4.91 2.75
CA PHE A 259 11.04 -4.85 4.21
C PHE A 259 12.09 -3.89 4.73
N VAL A 260 11.83 -3.24 5.87
CA VAL A 260 12.80 -2.36 6.48
C VAL A 260 13.09 -2.86 7.88
N LYS A 261 14.39 -2.94 8.24
CA LYS A 261 14.79 -3.34 9.59
C LYS A 261 14.99 -2.08 10.45
N LEU A 262 14.22 -2.00 11.53
CA LEU A 262 14.10 -0.88 12.47
C LEU A 262 14.80 -1.16 13.79
N ALA A 263 15.40 -0.09 14.38
CA ALA A 263 16.17 -0.13 15.63
C ALA A 263 15.29 0.04 16.84
N PRO A 264 15.54 -0.68 17.94
CA PRO A 264 14.67 -0.54 19.12
C PRO A 264 14.87 0.73 19.93
N ASP A 265 16.00 1.40 19.70
CA ASP A 265 16.42 2.62 20.40
C ASP A 265 15.81 3.90 19.81
N LEU A 266 14.47 3.93 19.67
CA LEU A 266 13.70 5.08 19.13
C LEU A 266 12.66 5.61 20.13
N ASN A 267 12.34 6.92 20.06
CA ASN A 267 11.29 7.50 20.92
C ASN A 267 9.89 7.23 20.32
N GLN A 268 8.82 7.52 21.06
CA GLN A 268 7.46 7.28 20.55
C GLN A 268 7.13 8.17 19.35
N GLU A 269 7.70 9.41 19.35
CA GLU A 269 7.53 10.41 18.30
C GLU A 269 8.07 9.88 16.96
N GLN A 270 9.29 9.27 16.95
CA GLN A 270 9.93 8.69 15.76
C GLN A 270 9.16 7.47 15.26
N LYS A 271 8.87 6.51 16.16
CA LYS A 271 8.10 5.30 15.90
C LYS A 271 6.75 5.58 15.22
N LYS A 272 6.07 6.67 15.61
CA LYS A 272 4.81 7.05 14.97
C LYS A 272 5.08 7.77 13.65
N GLU A 273 6.16 8.61 13.59
CA GLU A 273 6.57 9.34 12.39
C GLU A 273 6.88 8.35 11.28
N ILE A 274 7.62 7.27 11.62
CA ILE A 274 8.02 6.18 10.72
C ILE A 274 6.79 5.47 10.17
N ALA A 275 5.81 5.14 11.03
CA ALA A 275 4.58 4.44 10.68
C ALA A 275 3.83 5.11 9.54
N ASP A 276 3.76 6.46 9.56
CA ASP A 276 3.11 7.26 8.53
C ASP A 276 3.86 7.11 7.20
N VAL A 277 5.21 7.02 7.25
CA VAL A 277 6.08 6.82 6.07
C VAL A 277 5.80 5.45 5.50
N LEU A 278 5.92 4.37 6.32
CA LEU A 278 5.64 2.98 5.95
C LEU A 278 4.24 2.78 5.38
N LEU A 279 3.21 3.52 5.90
CA LEU A 279 1.84 3.41 5.40
C LEU A 279 1.69 4.09 4.05
N GLU A 280 2.37 5.22 3.86
CA GLU A 280 2.30 6.03 2.64
C GLU A 280 3.13 5.44 1.50
N THR A 281 4.37 4.98 1.82
CA THR A 281 5.28 4.43 0.82
C THR A 281 4.87 3.04 0.46
N ASN A 282 4.08 2.40 1.34
CA ASN A 282 3.56 1.03 1.21
C ASN A 282 4.68 -0.01 1.26
N ILE A 283 5.45 -0.02 2.37
CA ILE A 283 6.48 -1.03 2.58
C ILE A 283 5.73 -2.37 2.74
N ASP A 284 6.27 -3.45 2.11
CA ASP A 284 5.67 -4.79 2.12
C ASP A 284 5.81 -5.54 3.45
N GLY A 285 6.61 -5.00 4.36
CA GLY A 285 6.86 -5.57 5.68
C GLY A 285 7.83 -4.73 6.49
N MET A 286 7.97 -5.06 7.77
CA MET A 286 8.89 -4.34 8.65
C MET A 286 9.46 -5.32 9.65
N ILE A 287 10.81 -5.40 9.72
CA ILE A 287 11.51 -6.36 10.59
C ILE A 287 11.77 -5.73 11.96
N ILE A 288 10.96 -6.14 12.95
CA ILE A 288 11.08 -5.60 14.29
C ILE A 288 11.58 -6.70 15.22
N SER A 289 12.87 -6.57 15.71
CA SER A 289 13.77 -5.44 15.44
C SER A 289 15.24 -5.85 15.27
N ASN A 290 16.16 -4.89 15.46
CA ASN A 290 17.62 -5.09 15.39
C ASN A 290 18.17 -5.10 16.83
N THR A 291 19.51 -5.05 16.99
CA THR A 291 20.18 -5.07 18.28
C THR A 291 19.98 -3.71 19.00
N THR A 292 20.14 -3.69 20.34
CA THR A 292 19.95 -2.52 21.20
C THR A 292 21.24 -1.99 21.84
N THR A 293 21.26 -0.69 22.14
CA THR A 293 22.36 -0.02 22.86
C THR A 293 21.89 0.32 24.28
N GLN A 294 20.58 0.12 24.55
CA GLN A 294 19.89 0.37 25.81
C GLN A 294 20.18 -0.64 26.93
N ILE A 295 20.46 -1.92 26.59
CA ILE A 295 20.72 -2.98 27.59
C ILE A 295 22.16 -2.88 28.11
N ASN A 296 22.29 -2.35 29.34
CA ASN A 296 23.54 -2.10 30.05
C ASN A 296 23.56 -2.85 31.41
N ASP A 297 22.54 -3.73 31.61
CA ASP A 297 22.35 -4.55 32.82
C ASP A 297 23.08 -5.92 32.74
N ILE A 298 23.90 -6.13 31.70
CA ILE A 298 24.75 -7.32 31.52
C ILE A 298 26.15 -6.93 32.01
N LYS A 299 26.69 -7.67 32.98
CA LYS A 299 28.00 -7.37 33.56
C LYS A 299 29.15 -7.72 32.63
N SER A 300 29.03 -8.77 31.78
CA SER A 300 30.10 -9.17 30.84
C SER A 300 30.13 -8.35 29.54
N PHE A 301 29.07 -7.56 29.27
CA PHE A 301 28.96 -6.72 28.06
C PHE A 301 29.17 -5.23 28.40
N GLU A 302 29.75 -4.95 29.58
CA GLU A 302 30.02 -3.61 30.12
C GLU A 302 30.74 -2.65 29.12
N ASN A 303 32.06 -2.81 28.91
CA ASN A 303 32.87 -1.94 28.05
C ASN A 303 33.10 -2.53 26.65
N LYS A 304 32.29 -3.52 26.27
CA LYS A 304 32.34 -4.12 24.94
C LYS A 304 31.44 -3.29 24.02
N LYS A 305 31.93 -2.98 22.83
CA LYS A 305 31.21 -2.16 21.84
C LYS A 305 30.22 -3.04 21.07
N GLY A 306 29.12 -2.43 20.64
CA GLY A 306 28.10 -3.12 19.86
C GLY A 306 26.70 -3.19 20.45
N GLY A 307 25.80 -3.80 19.70
CA GLY A 307 24.40 -3.97 20.08
C GLY A 307 24.12 -5.30 20.75
N VAL A 308 23.23 -5.29 21.75
CA VAL A 308 22.87 -6.51 22.49
C VAL A 308 21.64 -7.17 21.88
N SER A 309 21.79 -8.46 21.57
CA SER A 309 20.79 -9.38 21.03
C SER A 309 20.66 -10.53 22.06
N GLY A 310 19.59 -11.31 21.94
CA GLY A 310 19.35 -12.44 22.84
C GLY A 310 18.19 -12.23 23.79
N ALA A 311 18.13 -13.08 24.83
CA ALA A 311 17.09 -13.15 25.86
C ALA A 311 16.80 -11.83 26.62
N LYS A 312 17.68 -10.82 26.51
CA LYS A 312 17.49 -9.51 27.13
C LYS A 312 16.68 -8.56 26.23
N LEU A 313 16.80 -8.73 24.90
CA LEU A 313 16.11 -7.97 23.88
C LEU A 313 14.65 -8.45 23.74
N LYS A 314 14.35 -9.73 24.07
CA LYS A 314 13.03 -10.37 23.96
C LYS A 314 11.85 -9.38 24.21
N ASP A 315 11.73 -8.86 25.43
CA ASP A 315 10.66 -7.94 25.83
C ASP A 315 10.65 -6.62 25.08
N ILE A 316 11.85 -6.09 24.76
CA ILE A 316 12.00 -4.81 24.05
C ILE A 316 11.45 -4.91 22.61
N SER A 317 11.79 -5.97 21.88
CA SER A 317 11.31 -6.17 20.53
C SER A 317 9.80 -6.44 20.44
N THR A 318 9.23 -7.15 21.44
CA THR A 318 7.80 -7.47 21.50
C THR A 318 6.98 -6.19 21.66
N LYS A 319 7.42 -5.27 22.53
CA LYS A 319 6.74 -4.01 22.77
C LYS A 319 6.89 -3.06 21.57
N PHE A 320 7.98 -3.21 20.79
CA PHE A 320 8.21 -2.40 19.60
C PHE A 320 7.29 -2.97 18.50
N ILE A 321 7.09 -4.33 18.44
CA ILE A 321 6.14 -5.01 17.53
C ILE A 321 4.75 -4.42 17.83
N CYS A 322 4.30 -4.53 19.10
CA CYS A 322 3.03 -4.04 19.63
C CYS A 322 2.74 -2.59 19.23
N GLU A 323 3.69 -1.67 19.51
CA GLU A 323 3.61 -0.26 19.19
C GLU A 323 3.43 -0.05 17.70
N MET A 324 4.36 -0.61 16.88
CA MET A 324 4.31 -0.47 15.43
C MET A 324 3.09 -1.11 14.75
N TYR A 325 2.58 -2.23 15.28
CA TYR A 325 1.39 -2.89 14.76
C TYR A 325 0.17 -1.99 14.89
N ASN A 326 0.17 -1.05 15.86
CA ASN A 326 -0.95 -0.12 16.05
C ASN A 326 -0.68 1.28 15.49
N TYR A 327 0.61 1.64 15.36
CA TYR A 327 1.01 2.91 14.77
C TYR A 327 0.78 2.84 13.26
N THR A 328 0.90 1.62 12.67
CA THR A 328 0.67 1.30 11.24
C THR A 328 -0.74 0.71 11.01
N ASN A 329 -1.61 0.77 12.04
CA ASN A 329 -3.00 0.32 12.03
C ASN A 329 -3.23 -1.08 11.44
N LYS A 330 -2.38 -2.05 11.84
CA LYS A 330 -2.35 -3.46 11.43
C LYS A 330 -2.04 -3.71 9.92
N GLN A 331 -1.78 -2.65 9.13
CA GLN A 331 -1.57 -2.67 7.67
C GLN A 331 -0.25 -3.19 7.16
N ILE A 332 0.83 -2.96 7.92
CA ILE A 332 2.18 -3.35 7.52
C ILE A 332 2.60 -4.67 8.20
N PRO A 333 2.72 -5.82 7.45
CA PRO A 333 3.13 -7.09 8.09
C PRO A 333 4.48 -7.02 8.82
N ILE A 334 4.64 -7.79 9.91
CA ILE A 334 5.79 -7.77 10.82
C ILE A 334 6.56 -9.11 10.80
N ILE A 335 7.90 -8.98 10.78
CA ILE A 335 8.88 -10.07 10.79
C ILE A 335 9.55 -9.90 12.15
N ALA A 336 9.16 -10.70 13.14
CA ALA A 336 9.70 -10.62 14.50
C ALA A 336 11.13 -11.08 14.57
N SER A 337 11.95 -10.38 15.37
CA SER A 337 13.36 -10.65 15.59
C SER A 337 13.75 -9.96 16.92
N GLY A 338 14.51 -10.67 17.75
CA GLY A 338 14.95 -10.19 19.06
C GLY A 338 14.48 -11.06 20.21
N GLY A 339 15.34 -11.94 20.68
CA GLY A 339 15.09 -12.82 21.82
C GLY A 339 14.12 -13.98 21.67
N ILE A 340 13.88 -14.48 20.42
CA ILE A 340 13.00 -15.64 20.19
C ILE A 340 13.84 -16.92 20.44
N PHE A 341 13.52 -17.67 21.51
CA PHE A 341 14.20 -18.90 21.90
C PHE A 341 13.23 -20.07 22.00
N SER A 342 11.94 -19.80 22.28
CA SER A 342 10.94 -20.85 22.45
C SER A 342 9.66 -20.63 21.67
N GLY A 343 8.78 -21.64 21.69
CA GLY A 343 7.45 -21.60 21.10
C GLY A 343 6.60 -20.54 21.76
N LEU A 344 6.76 -20.36 23.10
CA LEU A 344 6.07 -19.35 23.90
C LEU A 344 6.56 -17.97 23.52
N ASP A 345 7.89 -17.82 23.30
CA ASP A 345 8.55 -16.58 22.86
C ASP A 345 8.03 -16.23 21.45
N ALA A 346 7.92 -17.26 20.58
CA ALA A 346 7.41 -17.19 19.21
C ALA A 346 5.91 -16.78 19.18
N LEU A 347 5.06 -17.42 20.01
CA LEU A 347 3.64 -17.13 20.13
C LEU A 347 3.45 -15.69 20.64
N GLU A 348 4.27 -15.26 21.63
CA GLU A 348 4.28 -13.91 22.20
C GLU A 348 4.44 -12.87 21.07
N LYS A 349 5.39 -13.13 20.13
CA LYS A 349 5.68 -12.30 18.96
C LYS A 349 4.48 -12.33 17.99
N ILE A 350 4.02 -13.55 17.59
CA ILE A 350 2.90 -13.72 16.65
C ILE A 350 1.68 -12.96 17.14
N GLU A 351 1.30 -13.16 18.42
CA GLU A 351 0.15 -12.49 19.06
C GLU A 351 0.32 -10.98 19.17
N ALA A 352 1.56 -10.48 19.30
CA ALA A 352 1.81 -9.03 19.34
C ALA A 352 1.59 -8.38 17.94
N GLY A 353 1.63 -9.19 16.88
CA GLY A 353 1.41 -8.75 15.50
C GLY A 353 2.36 -9.30 14.45
N ALA A 354 3.22 -10.27 14.83
CA ALA A 354 4.20 -10.85 13.91
C ALA A 354 3.65 -11.96 13.01
N SER A 355 3.99 -11.92 11.73
CA SER A 355 3.55 -12.95 10.79
C SER A 355 4.59 -14.06 10.75
N VAL A 356 5.91 -13.71 10.77
CA VAL A 356 7.05 -14.65 10.82
C VAL A 356 7.98 -14.35 12.00
N CYS A 357 8.73 -15.38 12.45
CA CYS A 357 9.73 -15.31 13.52
C CYS A 357 11.13 -15.56 12.98
N GLN A 358 12.02 -14.59 13.16
CA GLN A 358 13.41 -14.65 12.72
C GLN A 358 14.33 -15.04 13.89
N LEU A 359 15.18 -16.07 13.71
CA LEU A 359 16.12 -16.53 14.74
C LEU A 359 17.56 -16.13 14.48
N TYR A 360 18.34 -16.02 15.56
CA TYR A 360 19.77 -15.74 15.57
C TYR A 360 20.41 -16.25 16.85
N SER A 361 20.20 -15.60 18.03
CA SER A 361 20.80 -16.03 19.32
C SER A 361 20.35 -17.42 19.79
N CYS A 362 19.23 -17.93 19.25
CA CYS A 362 18.75 -19.28 19.57
C CYS A 362 19.71 -20.30 18.93
N LEU A 363 20.14 -20.06 17.67
CA LEU A 363 21.06 -20.92 16.93
C LEU A 363 22.43 -20.95 17.59
N VAL A 364 22.79 -19.83 18.22
CA VAL A 364 24.05 -19.66 18.92
C VAL A 364 24.06 -20.41 20.27
N PHE A 365 23.01 -20.21 21.10
CA PHE A 365 22.92 -20.79 22.46
C PHE A 365 22.33 -22.18 22.53
N ASN A 366 21.26 -22.46 21.77
CA ASN A 366 20.61 -23.78 21.80
C ASN A 366 21.11 -24.75 20.73
N GLY A 367 21.85 -24.23 19.74
CA GLY A 367 22.44 -25.02 18.67
C GLY A 367 21.52 -25.37 17.52
N MET A 368 21.97 -26.35 16.72
CA MET A 368 21.34 -26.88 15.51
C MET A 368 19.90 -27.32 15.69
N LYS A 369 19.50 -27.70 16.93
CA LYS A 369 18.14 -28.16 17.25
C LYS A 369 17.07 -27.03 17.28
N SER A 370 17.50 -25.74 17.29
CA SER A 370 16.65 -24.55 17.36
C SER A 370 15.30 -24.67 16.66
N ALA A 371 15.29 -24.71 15.30
CA ALA A 371 14.08 -24.80 14.47
C ALA A 371 13.24 -26.08 14.68
N VAL A 372 13.87 -27.22 15.04
CA VAL A 372 13.12 -28.46 15.30
C VAL A 372 12.28 -28.30 16.57
N GLN A 373 12.94 -27.91 17.68
CA GLN A 373 12.35 -27.71 19.00
C GLN A 373 11.33 -26.60 19.01
N ILE A 374 11.64 -25.44 18.40
CA ILE A 374 10.78 -24.26 18.37
C ILE A 374 9.49 -24.49 17.54
N LYS A 375 9.55 -25.25 16.41
CA LYS A 375 8.36 -25.55 15.61
C LYS A 375 7.42 -26.43 16.43
N ARG A 376 7.99 -27.48 17.03
CA ARG A 376 7.36 -28.48 17.90
C ARG A 376 6.74 -27.75 19.12
N GLU A 377 7.55 -26.91 19.84
CA GLU A 377 7.13 -26.15 21.01
C GLU A 377 5.94 -25.29 20.67
N LEU A 378 6.04 -24.51 19.56
CA LEU A 378 4.97 -23.64 19.08
C LEU A 378 3.69 -24.40 18.71
N ASN A 379 3.81 -25.49 17.92
CA ASN A 379 2.67 -26.32 17.51
C ASN A 379 1.91 -26.87 18.69
N HIS A 380 2.62 -27.21 19.79
CA HIS A 380 2.02 -27.71 21.03
C HIS A 380 1.07 -26.64 21.61
N LEU A 381 1.59 -25.41 21.68
CA LEU A 381 0.92 -24.23 22.19
C LEU A 381 -0.22 -23.72 21.31
N LEU A 382 -0.07 -23.80 19.97
CA LEU A 382 -1.13 -23.37 19.04
C LEU A 382 -2.40 -24.20 19.23
N TYR A 383 -2.20 -25.53 19.50
CA TYR A 383 -3.22 -26.51 19.84
C TYR A 383 -3.78 -26.20 21.22
N GLN A 384 -2.89 -26.05 22.24
CA GLN A 384 -3.22 -25.76 23.64
C GLN A 384 -4.05 -24.49 23.81
N ARG A 385 -3.79 -23.46 22.99
CA ARG A 385 -4.52 -22.19 23.03
C ARG A 385 -5.84 -22.26 22.24
N GLY A 386 -5.94 -23.24 21.32
CA GLY A 386 -7.13 -23.49 20.51
C GLY A 386 -7.22 -22.79 19.16
N TYR A 387 -6.08 -22.41 18.57
CA TYR A 387 -6.10 -21.76 17.26
C TYR A 387 -6.24 -22.82 16.16
N TYR A 388 -7.12 -22.56 15.14
CA TYR A 388 -7.28 -23.47 13.99
C TYR A 388 -5.96 -23.49 13.21
N ASN A 389 -5.29 -22.32 13.14
CA ASN A 389 -3.99 -22.14 12.51
C ASN A 389 -3.23 -20.93 13.07
N LEU A 390 -2.02 -20.70 12.57
CA LEU A 390 -1.16 -19.61 12.98
C LEU A 390 -1.75 -18.28 12.53
N LYS A 391 -2.27 -18.22 11.28
CA LYS A 391 -2.82 -16.99 10.72
C LYS A 391 -3.95 -16.39 11.57
N GLU A 392 -4.59 -17.22 12.42
CA GLU A 392 -5.65 -16.86 13.35
C GLU A 392 -5.06 -16.15 14.61
N ALA A 393 -3.79 -16.45 14.95
CA ALA A 393 -3.07 -15.94 16.13
C ALA A 393 -2.43 -14.56 15.93
N ILE A 394 -2.07 -14.21 14.67
CA ILE A 394 -1.41 -12.94 14.31
C ILE A 394 -2.20 -11.75 14.82
N GLY A 395 -1.65 -11.06 15.82
CA GLY A 395 -2.23 -9.88 16.45
C GLY A 395 -3.40 -10.08 17.40
N ARG A 396 -3.63 -11.33 17.88
CA ARG A 396 -4.73 -11.71 18.77
C ARG A 396 -4.58 -11.16 20.22
N LYS A 397 -3.42 -10.54 20.54
CA LYS A 397 -3.19 -9.91 21.84
C LYS A 397 -4.07 -8.65 21.93
N HIS A 398 -4.12 -7.90 20.79
CA HIS A 398 -4.87 -6.66 20.58
C HIS A 398 -6.39 -6.87 20.42
N SER A 399 -6.84 -8.15 20.36
CA SER A 399 -8.25 -8.53 20.17
C SER A 399 -9.09 -8.34 21.45
N PHE B 28 -9.03 34.07 -19.19
CA PHE B 28 -8.14 34.27 -20.33
C PHE B 28 -6.69 33.87 -20.00
N LEU B 29 -6.19 34.31 -18.84
CA LEU B 29 -4.83 34.07 -18.34
C LEU B 29 -4.53 32.58 -18.15
N TYR B 30 -5.38 31.88 -17.38
CA TYR B 30 -5.26 30.44 -17.10
C TYR B 30 -5.74 29.56 -18.29
N ASP B 31 -6.14 30.23 -19.41
CA ASP B 31 -6.63 29.61 -20.65
C ASP B 31 -5.52 29.53 -21.68
N ILE B 32 -4.77 30.64 -21.88
CA ILE B 32 -3.62 30.70 -22.77
C ILE B 32 -2.57 29.69 -22.25
N PHE B 33 -2.29 29.72 -20.92
CA PHE B 33 -1.33 28.86 -20.23
C PHE B 33 -1.66 27.35 -20.32
N LEU B 34 -2.96 27.01 -20.33
CA LEU B 34 -3.40 25.62 -20.43
C LEU B 34 -3.23 25.07 -21.85
N LYS B 35 -3.46 25.91 -22.90
CA LYS B 35 -3.33 25.54 -24.32
C LYS B 35 -1.90 25.12 -24.61
N PHE B 36 -0.94 25.93 -24.12
CA PHE B 36 0.50 25.73 -24.21
C PHE B 36 0.85 24.43 -23.49
N CYS B 37 0.29 24.24 -22.29
CA CYS B 37 0.51 23.05 -21.47
C CYS B 37 0.11 21.76 -22.20
N LEU B 38 -1.05 21.75 -22.86
CA LEU B 38 -1.57 20.57 -23.60
C LEU B 38 -0.73 20.18 -24.81
N LYS B 39 -0.05 21.17 -25.44
CA LYS B 39 0.73 20.95 -26.66
C LYS B 39 2.27 20.89 -26.39
N TYR B 40 2.75 21.22 -25.16
CA TYR B 40 4.19 21.20 -24.88
C TYR B 40 4.64 20.44 -23.61
N ILE B 41 3.79 20.35 -22.56
CA ILE B 41 4.14 19.72 -21.27
C ILE B 41 3.34 18.42 -21.04
N ASP B 42 3.99 17.39 -20.41
CA ASP B 42 3.43 16.08 -20.04
C ASP B 42 2.19 16.21 -19.17
N GLY B 43 1.17 15.40 -19.46
CA GLY B 43 -0.13 15.36 -18.77
C GLY B 43 -0.08 15.38 -17.25
N GLU B 44 0.59 14.38 -16.63
CA GLU B 44 0.76 14.30 -15.18
C GLU B 44 1.58 15.46 -14.64
N ILE B 45 2.63 15.95 -15.38
CA ILE B 45 3.39 17.14 -14.94
C ILE B 45 2.37 18.31 -14.81
N CYS B 46 1.52 18.50 -15.86
CA CYS B 46 0.46 19.50 -15.91
C CYS B 46 -0.50 19.36 -14.74
N HIS B 47 -1.07 18.14 -14.56
CA HIS B 47 -2.00 17.77 -13.48
C HIS B 47 -1.52 18.25 -12.12
N ASP B 48 -0.24 17.93 -11.75
CA ASP B 48 0.39 18.26 -10.46
C ASP B 48 0.80 19.73 -10.33
N LEU B 49 1.17 20.36 -11.44
CA LEU B 49 1.56 21.78 -11.44
C LEU B 49 0.34 22.65 -11.11
N PHE B 50 -0.83 22.30 -11.69
CA PHE B 50 -2.07 23.03 -11.45
C PHE B 50 -2.67 22.73 -10.09
N LEU B 51 -2.44 21.52 -9.55
CA LEU B 51 -2.81 21.10 -8.20
C LEU B 51 -1.93 21.89 -7.22
N LEU B 52 -0.66 22.24 -7.61
CA LEU B 52 0.27 23.04 -6.80
C LEU B 52 -0.21 24.49 -6.77
N LEU B 53 -0.56 25.08 -7.94
CA LEU B 53 -1.11 26.45 -8.00
C LEU B 53 -2.44 26.55 -7.21
N GLY B 54 -3.02 25.40 -6.89
CA GLY B 54 -4.25 25.28 -6.11
C GLY B 54 -4.03 25.28 -4.61
N LYS B 55 -3.02 24.52 -4.14
CA LYS B 55 -2.62 24.40 -2.73
C LYS B 55 -2.15 25.76 -2.17
N TYR B 56 -1.69 26.67 -3.06
CA TYR B 56 -1.21 28.01 -2.71
C TYR B 56 -2.24 29.11 -3.05
N ASN B 57 -3.48 28.69 -3.29
CA ASN B 57 -4.67 29.48 -3.60
C ASN B 57 -4.43 30.61 -4.64
N ILE B 58 -3.81 30.25 -5.79
CA ILE B 58 -3.59 31.20 -6.89
C ILE B 58 -4.33 30.75 -8.17
N LEU B 59 -5.38 29.92 -7.99
CA LEU B 59 -6.22 29.47 -9.08
C LEU B 59 -7.36 30.49 -9.27
N PRO B 60 -8.03 30.57 -10.45
CA PRO B 60 -9.11 31.58 -10.58
C PRO B 60 -10.38 31.17 -9.86
N TYR B 61 -11.14 32.18 -9.39
CA TYR B 61 -12.37 32.06 -8.61
C TYR B 61 -13.60 32.32 -9.47
N ASP B 62 -14.68 31.55 -9.26
CA ASP B 62 -15.99 31.75 -9.87
C ASP B 62 -16.89 31.99 -8.71
N THR B 63 -17.34 33.21 -8.59
CA THR B 63 -18.22 33.59 -7.50
C THR B 63 -19.58 33.86 -8.11
N SER B 64 -20.59 33.22 -7.55
CA SER B 64 -21.99 33.32 -7.95
C SER B 64 -22.78 32.50 -6.96
N ASN B 65 -24.01 32.96 -6.64
CA ASN B 65 -24.86 32.17 -5.74
C ASN B 65 -25.49 30.97 -6.46
N ASP B 66 -25.38 30.94 -7.84
CA ASP B 66 -25.88 29.89 -8.74
C ASP B 66 -27.40 29.82 -8.71
N SER B 67 -28.04 29.82 -9.90
CA SER B 67 -29.48 29.75 -10.09
C SER B 67 -30.11 28.57 -9.31
N ILE B 68 -31.24 28.79 -8.57
CA ILE B 68 -31.92 27.71 -7.82
C ILE B 68 -32.60 26.73 -8.77
N TYR B 69 -32.84 27.19 -10.02
CA TYR B 69 -33.46 26.42 -11.08
C TYR B 69 -32.49 25.28 -11.57
N ALA B 70 -31.20 25.37 -11.21
CA ALA B 70 -30.16 24.40 -11.56
C ALA B 70 -29.74 23.54 -10.37
N CYS B 71 -30.28 23.82 -9.18
CA CYS B 71 -30.06 23.01 -7.97
C CYS B 71 -30.57 21.58 -8.21
N THR B 72 -29.95 20.62 -7.54
CA THR B 72 -30.30 19.21 -7.63
C THR B 72 -29.99 18.57 -6.28
N ASN B 73 -30.48 17.35 -6.07
CA ASN B 73 -30.21 16.62 -4.85
C ASN B 73 -30.24 15.13 -5.06
N ILE B 74 -29.49 14.41 -4.24
CA ILE B 74 -29.43 12.96 -4.15
C ILE B 74 -29.68 12.73 -2.66
N LYS B 75 -30.94 12.35 -2.29
CA LYS B 75 -31.41 12.22 -0.91
C LYS B 75 -31.17 13.58 -0.21
N HIS B 76 -30.47 13.61 0.93
CA HIS B 76 -30.18 14.83 1.69
C HIS B 76 -29.03 15.67 1.13
N LEU B 77 -28.26 15.14 0.15
CA LEU B 77 -27.10 15.82 -0.47
C LEU B 77 -27.60 16.97 -1.33
N ASP B 78 -27.52 18.22 -0.81
CA ASP B 78 -27.99 19.40 -1.52
C ASP B 78 -26.89 20.08 -2.35
N PHE B 79 -26.90 19.85 -3.68
CA PHE B 79 -25.93 20.43 -4.62
C PHE B 79 -26.42 21.80 -5.11
N ILE B 80 -25.58 22.84 -4.94
CA ILE B 80 -25.86 24.26 -5.31
C ILE B 80 -25.98 24.43 -6.83
N ASN B 81 -25.24 23.59 -7.55
CA ASN B 81 -25.21 23.49 -9.01
C ASN B 81 -25.02 22.02 -9.38
N PRO B 82 -25.42 21.57 -10.60
CA PRO B 82 -25.27 20.14 -10.92
C PRO B 82 -23.87 19.64 -11.30
N PHE B 83 -22.84 20.49 -11.21
CA PHE B 83 -21.48 20.12 -11.63
C PHE B 83 -20.50 19.96 -10.50
N GLY B 84 -19.81 18.82 -10.52
CA GLY B 84 -18.78 18.47 -9.56
C GLY B 84 -17.58 17.87 -10.25
N VAL B 85 -16.47 17.72 -9.52
CA VAL B 85 -15.22 17.18 -10.07
C VAL B 85 -15.14 15.72 -9.68
N ALA B 86 -15.03 14.83 -10.71
CA ALA B 86 -14.94 13.38 -10.57
C ALA B 86 -13.69 12.91 -9.85
N ALA B 87 -13.65 11.64 -9.44
CA ALA B 87 -12.50 11.10 -8.73
C ALA B 87 -11.24 11.04 -9.63
N GLY B 88 -10.05 11.02 -9.02
CA GLY B 88 -8.78 10.98 -9.73
C GLY B 88 -8.12 12.30 -10.04
N PHE B 89 -8.79 13.41 -9.69
CA PHE B 89 -8.35 14.78 -9.92
C PHE B 89 -7.60 15.26 -8.68
N ASP B 90 -8.25 15.13 -7.51
CA ASP B 90 -7.65 15.41 -6.20
C ASP B 90 -7.64 14.12 -5.38
N LYS B 91 -6.90 13.13 -5.89
CA LYS B 91 -6.67 11.81 -5.31
C LYS B 91 -6.40 11.88 -3.81
N ASN B 92 -5.52 12.83 -3.40
CA ASN B 92 -5.05 13.08 -2.05
C ASN B 92 -5.74 14.15 -1.22
N GLY B 93 -6.72 14.85 -1.79
CA GLY B 93 -7.46 15.91 -1.12
C GLY B 93 -6.59 17.05 -0.62
N VAL B 94 -5.61 17.48 -1.43
CA VAL B 94 -4.61 18.53 -1.13
C VAL B 94 -4.98 19.89 -1.75
N CYS B 95 -6.11 19.93 -2.47
CA CYS B 95 -6.54 21.05 -3.29
C CYS B 95 -8.05 21.32 -3.28
N ILE B 96 -8.81 20.66 -2.35
CA ILE B 96 -10.28 20.71 -2.24
C ILE B 96 -10.87 22.13 -2.41
N ASP B 97 -10.42 23.13 -1.62
CA ASP B 97 -10.92 24.54 -1.64
C ASP B 97 -10.79 25.22 -2.99
N SER B 98 -9.61 25.13 -3.62
CA SER B 98 -9.34 25.80 -4.88
C SER B 98 -10.06 25.17 -6.06
N ILE B 99 -10.31 23.87 -6.00
CA ILE B 99 -11.00 23.17 -7.07
C ILE B 99 -12.51 23.48 -6.97
N LEU B 100 -13.10 23.38 -5.76
CA LEU B 100 -14.50 23.72 -5.50
C LEU B 100 -14.78 25.20 -5.83
N LYS B 101 -13.83 26.12 -5.50
CA LYS B 101 -13.92 27.57 -5.80
C LYS B 101 -13.84 27.91 -7.31
N LEU B 102 -13.70 26.91 -8.19
CA LEU B 102 -13.67 27.12 -9.65
C LEU B 102 -15.10 27.13 -10.23
N GLY B 103 -16.11 26.90 -9.37
CA GLY B 103 -17.53 26.88 -9.74
C GLY B 103 -18.23 25.54 -9.59
N PHE B 104 -17.61 24.64 -8.85
CA PHE B 104 -18.16 23.31 -8.64
C PHE B 104 -18.83 23.23 -7.27
N SER B 105 -19.88 22.37 -7.14
CA SER B 105 -20.67 22.15 -5.92
C SER B 105 -20.10 21.01 -5.07
N PHE B 106 -19.36 20.07 -5.69
CA PHE B 106 -18.83 18.90 -5.00
C PHE B 106 -17.59 18.36 -5.63
N ILE B 107 -16.82 17.62 -4.84
CA ILE B 107 -15.61 16.96 -5.28
C ILE B 107 -15.59 15.53 -4.74
N GLU B 108 -15.24 14.56 -5.59
CA GLU B 108 -15.05 13.20 -5.14
C GLU B 108 -13.55 13.07 -5.02
N ILE B 109 -13.04 13.03 -3.78
CA ILE B 109 -11.59 12.90 -3.62
C ILE B 109 -11.25 11.42 -3.65
N GLY B 110 -10.04 11.09 -4.07
CA GLY B 110 -9.61 9.71 -4.21
C GLY B 110 -9.37 9.37 -5.66
N THR B 111 -9.31 8.08 -6.04
CA THR B 111 -9.50 6.93 -5.16
C THR B 111 -8.39 6.75 -4.12
N ILE B 112 -8.81 6.57 -2.86
CA ILE B 112 -7.92 6.30 -1.75
C ILE B 112 -7.84 4.82 -1.50
N THR B 113 -6.66 4.34 -1.06
CA THR B 113 -6.39 2.94 -0.74
C THR B 113 -5.89 2.95 0.71
N PRO B 114 -6.06 1.88 1.53
CA PRO B 114 -5.52 1.91 2.92
C PRO B 114 -4.07 2.41 3.03
N ARG B 115 -3.17 1.83 2.23
CA ARG B 115 -1.74 2.20 2.22
C ARG B 115 -1.49 3.00 0.96
N GLY B 116 -0.54 3.92 1.00
CA GLY B 116 -0.18 4.73 -0.14
C GLY B 116 0.38 3.91 -1.28
N GLN B 117 0.25 4.40 -2.51
CA GLN B 117 0.72 3.70 -3.70
C GLN B 117 1.32 4.67 -4.68
N THR B 118 2.42 4.27 -5.34
CA THR B 118 3.06 5.10 -6.38
C THR B 118 2.39 4.89 -7.72
N GLY B 119 1.56 3.84 -7.81
CA GLY B 119 0.81 3.47 -9.00
C GLY B 119 1.62 2.69 -10.00
N ASN B 120 1.34 2.91 -11.27
CA ASN B 120 2.03 2.23 -12.36
C ASN B 120 3.13 3.13 -12.98
N ALA B 121 3.94 2.53 -13.89
CA ALA B 121 5.04 3.19 -14.59
C ALA B 121 4.57 4.40 -15.38
N LYS B 122 5.37 5.48 -15.34
CA LYS B 122 5.11 6.73 -16.06
C LYS B 122 5.75 6.65 -17.46
N PRO B 123 5.20 7.27 -18.54
CA PRO B 123 3.98 8.09 -18.63
C PRO B 123 2.69 7.26 -18.61
N ARG B 124 1.71 7.68 -17.78
CA ARG B 124 0.46 6.94 -17.58
C ARG B 124 -0.81 7.78 -17.83
N ILE B 125 -0.63 8.92 -18.50
CA ILE B 125 -1.71 9.82 -18.89
C ILE B 125 -1.34 10.34 -20.28
N PHE B 126 -2.27 10.17 -21.26
CA PHE B 126 -2.08 10.61 -22.64
C PHE B 126 -3.33 11.24 -23.15
N ARG B 127 -3.20 12.23 -24.00
CA ARG B 127 -4.37 12.94 -24.49
C ARG B 127 -4.30 13.36 -25.95
N ASP B 128 -5.43 13.16 -26.63
CA ASP B 128 -5.66 13.52 -28.03
C ASP B 128 -6.56 14.76 -28.02
N VAL B 129 -6.03 15.89 -28.56
CA VAL B 129 -6.72 17.18 -28.57
C VAL B 129 -7.82 17.24 -29.65
N GLU B 130 -7.54 16.67 -30.84
CA GLU B 130 -8.50 16.65 -31.95
C GLU B 130 -9.82 15.93 -31.59
N SER B 131 -9.73 14.80 -30.87
CA SER B 131 -10.89 13.99 -30.44
C SER B 131 -11.33 14.23 -28.99
N ARG B 132 -10.62 15.13 -28.26
CA ARG B 132 -10.86 15.52 -26.85
C ARG B 132 -10.97 14.31 -25.91
N SER B 133 -9.93 13.45 -25.91
CA SER B 133 -9.95 12.22 -25.10
C SER B 133 -8.67 12.02 -24.26
N ILE B 134 -8.75 11.19 -23.19
CA ILE B 134 -7.62 10.85 -22.32
C ILE B 134 -7.55 9.34 -22.06
N ILE B 135 -6.35 8.71 -22.18
CA ILE B 135 -6.11 7.29 -21.85
C ILE B 135 -5.24 7.28 -20.56
N ASN B 136 -5.59 6.44 -19.56
CA ASN B 136 -4.82 6.44 -18.31
C ASN B 136 -4.66 5.08 -17.68
N SER B 137 -3.44 4.81 -17.22
CA SER B 137 -3.05 3.60 -16.50
C SER B 137 -2.29 4.04 -15.23
N CYS B 138 -2.94 4.89 -14.40
CA CYS B 138 -2.41 5.43 -13.14
C CYS B 138 -2.20 4.33 -12.11
N GLY B 139 -3.26 3.53 -11.89
CA GLY B 139 -3.24 2.42 -10.95
C GLY B 139 -3.25 2.87 -9.50
N PHE B 140 -4.23 3.69 -9.13
CA PHE B 140 -4.44 4.24 -7.79
C PHE B 140 -3.15 4.79 -7.21
N ASN B 141 -2.74 5.96 -7.68
CA ASN B 141 -1.56 6.60 -7.14
C ASN B 141 -2.08 7.53 -6.05
N ASN B 142 -1.78 7.23 -4.77
CA ASN B 142 -2.25 8.09 -3.67
C ASN B 142 -1.32 8.00 -2.45
N MET B 143 -1.45 8.96 -1.54
CA MET B 143 -0.66 9.09 -0.30
C MET B 143 -1.11 8.12 0.80
N GLY B 144 -2.24 7.44 0.60
CA GLY B 144 -2.79 6.50 1.56
C GLY B 144 -3.93 7.09 2.34
N CYS B 145 -4.84 6.26 2.79
CA CYS B 145 -6.03 6.69 3.51
C CYS B 145 -5.75 7.61 4.72
N ASP B 146 -4.74 7.28 5.55
CA ASP B 146 -4.41 8.04 6.76
C ASP B 146 -4.01 9.51 6.52
N LYS B 147 -3.16 9.75 5.51
CA LYS B 147 -2.66 11.09 5.16
C LYS B 147 -3.75 11.90 4.50
N VAL B 148 -4.58 11.26 3.65
CA VAL B 148 -5.70 11.90 2.96
C VAL B 148 -6.77 12.32 3.97
N THR B 149 -7.00 11.47 5.00
CA THR B 149 -7.91 11.77 6.11
C THR B 149 -7.51 13.09 6.78
N GLU B 150 -6.20 13.25 7.11
CA GLU B 150 -5.65 14.46 7.72
C GLU B 150 -5.82 15.67 6.82
N ASN B 151 -5.74 15.47 5.49
CA ASN B 151 -5.95 16.53 4.48
C ASN B 151 -7.43 16.94 4.42
N LEU B 152 -8.35 15.97 4.61
CA LEU B 152 -9.77 16.26 4.66
C LEU B 152 -10.15 16.91 6.00
N ILE B 153 -9.54 16.47 7.13
CA ILE B 153 -9.76 17.06 8.46
C ILE B 153 -9.48 18.56 8.39
N LEU B 154 -8.35 18.95 7.75
CA LEU B 154 -7.93 20.35 7.58
C LEU B 154 -8.89 21.15 6.71
N PHE B 155 -9.47 20.53 5.65
CA PHE B 155 -10.47 21.24 4.84
C PHE B 155 -11.75 21.40 5.65
N ARG B 156 -12.18 20.33 6.35
CA ARG B 156 -13.39 20.35 7.18
C ARG B 156 -13.28 21.36 8.29
N LYS B 157 -12.04 21.60 8.79
CA LYS B 157 -11.76 22.61 9.82
C LYS B 157 -11.85 24.01 9.21
N ARG B 158 -11.36 24.19 7.95
CA ARG B 158 -11.44 25.46 7.22
C ARG B 158 -12.90 25.81 6.95
N GLN B 159 -13.69 24.80 6.51
CA GLN B 159 -15.13 24.86 6.18
C GLN B 159 -15.98 25.43 7.34
N GLU B 160 -15.48 25.37 8.59
CA GLU B 160 -16.15 25.93 9.76
C GLU B 160 -16.01 27.47 9.75
N GLU B 161 -14.76 27.97 9.63
CA GLU B 161 -14.43 29.40 9.59
C GLU B 161 -14.95 30.05 8.30
N ASP B 162 -14.59 29.48 7.14
CA ASP B 162 -14.96 29.93 5.80
C ASP B 162 -16.41 29.55 5.51
N LYS B 163 -17.28 30.56 5.40
CA LYS B 163 -18.71 30.37 5.13
C LYS B 163 -18.99 30.05 3.65
N LEU B 164 -18.10 30.48 2.74
CA LEU B 164 -18.24 30.30 1.28
C LEU B 164 -18.21 28.85 0.83
N LEU B 165 -17.64 27.93 1.65
CA LEU B 165 -17.57 26.50 1.33
C LEU B 165 -18.47 25.61 2.24
N SER B 166 -19.36 26.23 3.03
CA SER B 166 -20.24 25.54 3.99
C SER B 166 -21.32 24.64 3.36
N LYS B 167 -21.69 24.90 2.09
CA LYS B 167 -22.72 24.10 1.39
C LYS B 167 -22.13 23.20 0.26
N HIS B 168 -20.78 23.19 0.16
CA HIS B 168 -20.04 22.43 -0.82
C HIS B 168 -19.78 21.02 -0.24
N ILE B 169 -20.21 19.99 -1.01
CA ILE B 169 -20.22 18.58 -0.65
C ILE B 169 -18.94 17.89 -1.09
N VAL B 170 -18.27 17.14 -0.18
CA VAL B 170 -17.04 16.40 -0.48
C VAL B 170 -17.29 14.90 -0.31
N GLY B 171 -17.15 14.19 -1.41
CA GLY B 171 -17.27 12.75 -1.46
C GLY B 171 -15.90 12.14 -1.44
N VAL B 172 -15.81 10.85 -1.07
CA VAL B 172 -14.56 10.10 -1.00
C VAL B 172 -14.72 8.78 -1.75
N SER B 173 -13.83 8.51 -2.72
CA SER B 173 -13.82 7.25 -3.48
C SER B 173 -12.85 6.32 -2.77
N ILE B 174 -13.34 5.15 -2.34
CA ILE B 174 -12.51 4.17 -1.61
C ILE B 174 -12.23 2.96 -2.47
N GLY B 175 -10.97 2.53 -2.47
CA GLY B 175 -10.51 1.38 -3.25
C GLY B 175 -9.71 0.37 -2.48
N LYS B 176 -8.96 -0.45 -3.23
CA LYS B 176 -8.10 -1.50 -2.69
C LYS B 176 -6.64 -1.38 -3.20
N ASN B 177 -5.67 -1.87 -2.41
CA ASN B 177 -4.26 -1.88 -2.79
C ASN B 177 -4.05 -2.97 -3.81
N LYS B 178 -3.09 -2.79 -4.71
CA LYS B 178 -2.71 -3.72 -5.78
C LYS B 178 -2.71 -5.18 -5.32
N ASP B 179 -1.83 -5.50 -4.34
CA ASP B 179 -1.55 -6.82 -3.77
C ASP B 179 -2.61 -7.40 -2.81
N THR B 180 -3.64 -6.63 -2.42
CA THR B 180 -4.69 -7.11 -1.50
C THR B 180 -5.65 -8.09 -2.22
N VAL B 181 -5.84 -9.29 -1.64
CA VAL B 181 -6.69 -10.36 -2.20
C VAL B 181 -8.18 -10.18 -1.80
N ASN B 182 -8.45 -9.51 -0.65
CA ASN B 182 -9.79 -9.30 -0.12
C ASN B 182 -10.11 -7.82 -0.08
N ILE B 183 -10.81 -7.33 -1.11
CA ILE B 183 -11.21 -5.94 -1.29
C ILE B 183 -11.91 -5.35 -0.05
N VAL B 184 -12.79 -6.15 0.59
CA VAL B 184 -13.61 -5.76 1.73
C VAL B 184 -12.79 -5.20 2.90
N ASP B 185 -11.75 -5.93 3.35
CA ASP B 185 -10.87 -5.52 4.44
C ASP B 185 -10.35 -4.07 4.28
N ASP B 186 -9.99 -3.73 3.03
CA ASP B 186 -9.48 -2.43 2.57
C ASP B 186 -10.53 -1.37 2.60
N LEU B 187 -11.76 -1.69 2.13
CA LEU B 187 -12.91 -0.76 2.09
C LEU B 187 -13.38 -0.45 3.51
N LYS B 188 -13.48 -1.49 4.37
CA LYS B 188 -13.86 -1.33 5.78
C LYS B 188 -12.81 -0.48 6.54
N TYR B 189 -11.50 -0.61 6.18
CA TYR B 189 -10.41 0.14 6.80
C TYR B 189 -10.58 1.61 6.53
N CYS B 190 -10.83 1.95 5.25
CA CYS B 190 -11.00 3.31 4.77
C CYS B 190 -12.15 4.04 5.45
N ILE B 191 -13.27 3.35 5.67
CA ILE B 191 -14.45 3.88 6.33
C ILE B 191 -14.12 4.28 7.75
N ASN B 192 -13.43 3.41 8.49
CA ASN B 192 -13.09 3.66 9.90
C ASN B 192 -12.18 4.88 10.13
N LYS B 193 -11.50 5.39 9.08
CA LYS B 193 -10.59 6.52 9.19
C LYS B 193 -11.16 7.83 8.57
N ILE B 194 -11.66 7.79 7.31
CA ILE B 194 -12.18 8.96 6.57
C ILE B 194 -13.73 9.09 6.54
N GLY B 195 -14.46 8.08 7.02
CA GLY B 195 -15.91 8.03 7.02
C GLY B 195 -16.65 9.13 7.75
N ARG B 196 -16.07 9.64 8.87
CA ARG B 196 -16.65 10.70 9.68
C ARG B 196 -16.64 12.06 8.97
N TYR B 197 -15.83 12.20 7.92
CA TYR B 197 -15.63 13.46 7.23
C TYR B 197 -16.15 13.47 5.78
N ALA B 198 -16.77 12.36 5.34
CA ALA B 198 -17.31 12.22 3.98
C ALA B 198 -18.81 12.44 3.98
N ASP B 199 -19.32 13.12 2.94
CA ASP B 199 -20.75 13.35 2.74
C ASP B 199 -21.31 12.14 2.02
N TYR B 200 -20.42 11.47 1.27
CA TYR B 200 -20.67 10.22 0.56
C TYR B 200 -19.41 9.43 0.34
N ILE B 201 -19.59 8.12 0.25
CA ILE B 201 -18.55 7.15 0.00
C ILE B 201 -18.85 6.50 -1.35
N ALA B 202 -17.89 6.56 -2.28
CA ALA B 202 -17.97 5.93 -3.60
C ALA B 202 -17.13 4.65 -3.58
N ILE B 203 -17.71 3.55 -4.02
CA ILE B 203 -17.00 2.27 -4.09
C ILE B 203 -16.42 2.14 -5.51
N ASN B 204 -15.10 2.18 -5.62
CA ASN B 204 -14.47 2.04 -6.93
C ASN B 204 -14.19 0.56 -7.24
N VAL B 205 -15.15 -0.08 -7.93
CA VAL B 205 -15.07 -1.46 -8.41
C VAL B 205 -14.92 -1.43 -9.95
N SER B 206 -14.66 -0.24 -10.52
CA SER B 206 -14.59 -0.05 -11.96
C SER B 206 -13.22 0.31 -12.56
N SER B 207 -12.10 0.27 -11.78
CA SER B 207 -10.77 0.61 -12.31
C SER B 207 -10.21 -0.43 -13.26
N PRO B 208 -9.84 -0.04 -14.50
CA PRO B 208 -9.24 -1.03 -15.42
C PRO B 208 -7.75 -1.29 -15.15
N ASN B 209 -7.10 -0.38 -14.37
CA ASN B 209 -5.67 -0.37 -14.04
C ASN B 209 -5.34 -0.99 -12.69
N THR B 210 -6.37 -1.54 -12.01
CA THR B 210 -6.18 -2.33 -10.80
C THR B 210 -6.56 -3.77 -11.16
N PRO B 211 -5.54 -4.61 -11.46
CA PRO B 211 -5.79 -6.01 -11.91
C PRO B 211 -6.78 -6.82 -11.07
N GLY B 212 -7.81 -7.32 -11.74
CA GLY B 212 -8.90 -8.11 -11.16
C GLY B 212 -9.96 -7.37 -10.37
N LEU B 213 -9.97 -6.01 -10.43
CA LEU B 213 -10.94 -5.17 -9.70
C LEU B 213 -12.35 -5.17 -10.31
N ARG B 214 -12.41 -5.27 -11.65
CA ARG B 214 -13.67 -5.24 -12.40
C ARG B 214 -14.50 -6.47 -12.12
N ASP B 215 -13.87 -7.54 -11.57
CA ASP B 215 -14.47 -8.82 -11.17
C ASP B 215 -15.32 -8.66 -9.90
N ASN B 216 -15.20 -7.52 -9.21
CA ASN B 216 -15.97 -7.17 -8.00
C ASN B 216 -17.36 -6.63 -8.31
N GLN B 217 -17.62 -6.31 -9.61
CA GLN B 217 -18.91 -5.83 -10.13
C GLN B 217 -19.92 -6.99 -10.29
N GLU B 218 -19.43 -8.26 -10.25
CA GLU B 218 -20.26 -9.47 -10.33
C GLU B 218 -21.29 -9.41 -9.20
N ALA B 219 -22.57 -9.66 -9.53
CA ALA B 219 -23.73 -9.55 -8.62
C ALA B 219 -23.47 -9.99 -7.17
N GLY B 220 -23.06 -11.25 -6.98
CA GLY B 220 -22.78 -11.84 -5.67
C GLY B 220 -21.72 -11.11 -4.87
N LYS B 221 -20.54 -10.85 -5.50
CA LYS B 221 -19.39 -10.14 -4.89
C LYS B 221 -19.78 -8.73 -4.47
N LEU B 222 -20.42 -7.98 -5.40
CA LEU B 222 -20.89 -6.60 -5.19
C LEU B 222 -21.93 -6.54 -4.08
N LYS B 223 -22.78 -7.58 -3.93
CA LYS B 223 -23.79 -7.65 -2.87
C LYS B 223 -23.11 -7.68 -1.51
N ASN B 224 -22.04 -8.50 -1.36
CA ASN B 224 -21.23 -8.63 -0.15
C ASN B 224 -20.48 -7.31 0.10
N ILE B 225 -19.86 -6.75 -0.96
CA ILE B 225 -19.14 -5.48 -0.91
C ILE B 225 -20.01 -4.37 -0.32
N ILE B 226 -21.11 -3.97 -1.01
CA ILE B 226 -22.07 -2.93 -0.60
C ILE B 226 -22.57 -3.15 0.83
N LEU B 227 -23.03 -4.37 1.15
CA LEU B 227 -23.55 -4.72 2.46
C LEU B 227 -22.54 -4.51 3.56
N SER B 228 -21.32 -5.08 3.40
CA SER B 228 -20.20 -4.94 4.34
C SER B 228 -19.80 -3.46 4.55
N VAL B 229 -19.83 -2.65 3.46
CA VAL B 229 -19.51 -1.21 3.43
C VAL B 229 -20.59 -0.41 4.20
N LYS B 230 -21.87 -0.68 3.90
CA LYS B 230 -23.05 -0.12 4.56
C LYS B 230 -23.02 -0.47 6.06
N GLU B 231 -22.75 -1.75 6.41
CA GLU B 231 -22.64 -2.23 7.80
C GLU B 231 -21.60 -1.44 8.54
N GLU B 232 -20.47 -1.19 7.88
CA GLU B 232 -19.33 -0.47 8.41
C GLU B 232 -19.65 0.99 8.74
N ILE B 233 -20.37 1.69 7.84
CA ILE B 233 -20.81 3.08 7.99
C ILE B 233 -21.80 3.17 9.19
N ASP B 234 -22.77 2.24 9.23
CA ASP B 234 -23.75 2.05 10.27
C ASP B 234 -23.08 1.82 11.63
N ASN B 235 -22.01 0.99 11.67
CA ASN B 235 -21.19 0.67 12.85
C ASN B 235 -20.48 1.89 13.45
N LEU B 236 -20.02 2.86 12.61
CA LEU B 236 -19.39 4.11 13.08
C LEU B 236 -20.33 4.86 14.02
N GLU B 237 -21.63 4.91 13.64
CA GLU B 237 -22.74 5.56 14.34
C GLU B 237 -23.09 4.78 15.62
N LYS B 238 -23.06 3.43 15.55
CA LYS B 238 -23.33 2.49 16.66
C LYS B 238 -22.26 2.60 17.75
N ASN B 239 -21.03 2.99 17.37
CA ASN B 239 -19.90 3.19 18.28
C ASN B 239 -20.07 4.41 19.19
N ASN B 240 -20.66 5.53 18.69
CA ASN B 240 -20.96 6.73 19.48
C ASN B 240 -22.24 7.45 19.02
N PHE B 246 -21.26 16.25 16.13
CA PHE B 246 -19.87 16.01 16.51
C PHE B 246 -19.25 14.86 15.68
N LEU B 247 -19.95 13.69 15.64
CA LEU B 247 -19.57 12.46 14.93
C LEU B 247 -19.42 12.62 13.42
N TRP B 248 -20.40 13.25 12.76
CA TRP B 248 -20.33 13.48 11.33
C TRP B 248 -19.81 14.90 11.08
N PHE B 249 -18.49 15.00 10.94
CA PHE B 249 -17.75 16.23 10.68
C PHE B 249 -17.64 16.44 9.15
N ASN B 250 -18.80 16.55 8.51
CA ASN B 250 -18.97 16.73 7.07
C ASN B 250 -19.84 17.96 6.80
N THR B 251 -20.44 18.04 5.60
CA THR B 251 -21.32 19.17 5.24
C THR B 251 -22.71 18.86 5.75
N THR B 252 -23.16 17.63 5.52
CA THR B 252 -24.49 17.15 5.86
C THR B 252 -24.79 17.01 7.37
N LYS B 253 -23.74 16.78 8.23
CA LYS B 253 -23.88 16.51 9.67
C LYS B 253 -24.62 15.17 9.89
N LYS B 254 -24.73 14.37 8.80
CA LYS B 254 -25.37 13.06 8.70
C LYS B 254 -24.33 12.03 8.21
N LYS B 255 -24.61 10.72 8.39
CA LYS B 255 -23.72 9.62 7.96
C LYS B 255 -23.53 9.60 6.44
N PRO B 256 -22.31 9.33 5.89
CA PRO B 256 -22.16 9.38 4.42
C PRO B 256 -23.05 8.43 3.63
N LEU B 257 -23.53 8.90 2.47
CA LEU B 257 -24.34 8.11 1.54
C LEU B 257 -23.41 7.13 0.83
N VAL B 258 -23.92 6.04 0.25
CA VAL B 258 -23.04 5.09 -0.45
C VAL B 258 -23.37 5.04 -1.93
N PHE B 259 -22.36 5.28 -2.78
CA PHE B 259 -22.48 5.24 -4.23
C PHE B 259 -21.51 4.20 -4.74
N VAL B 260 -21.80 3.57 -5.88
CA VAL B 260 -20.87 2.63 -6.50
C VAL B 260 -20.54 3.10 -7.91
N LYS B 261 -19.23 3.10 -8.30
CA LYS B 261 -18.86 3.49 -9.67
C LYS B 261 -18.78 2.23 -10.48
N LEU B 262 -19.39 2.25 -11.67
CA LEU B 262 -19.46 1.09 -12.56
C LEU B 262 -18.78 1.29 -13.91
N ALA B 263 -18.13 0.23 -14.40
CA ALA B 263 -17.40 0.20 -15.68
C ALA B 263 -18.42 0.23 -16.79
N PRO B 264 -18.21 0.98 -17.89
CA PRO B 264 -19.19 0.93 -18.98
C PRO B 264 -18.97 -0.31 -19.87
N ASP B 265 -18.02 -1.19 -19.44
CA ASP B 265 -17.63 -2.39 -20.12
C ASP B 265 -18.10 -3.60 -19.35
N LEU B 266 -19.41 -3.88 -19.53
CA LEU B 266 -20.20 -5.00 -19.01
C LEU B 266 -21.24 -5.33 -20.09
N ASN B 267 -21.79 -6.55 -20.07
CA ASN B 267 -22.86 -6.93 -21.01
C ASN B 267 -24.22 -6.58 -20.36
N GLN B 268 -25.34 -6.67 -21.11
CA GLN B 268 -26.68 -6.37 -20.59
C GLN B 268 -27.04 -7.29 -19.41
N GLU B 269 -26.57 -8.55 -19.43
CA GLU B 269 -26.79 -9.57 -18.39
C GLU B 269 -26.28 -9.09 -17.03
N GLN B 270 -25.03 -8.56 -17.01
CA GLN B 270 -24.36 -8.07 -15.82
C GLN B 270 -25.07 -6.82 -15.28
N LYS B 271 -25.24 -5.80 -16.12
CA LYS B 271 -25.94 -4.54 -15.82
C LYS B 271 -27.30 -4.78 -15.15
N LYS B 272 -28.10 -5.77 -15.65
CA LYS B 272 -29.41 -6.10 -15.05
C LYS B 272 -29.20 -6.86 -13.74
N GLU B 273 -28.20 -7.79 -13.66
CA GLU B 273 -27.86 -8.55 -12.46
C GLU B 273 -27.48 -7.61 -11.34
N ILE B 274 -26.67 -6.58 -11.65
CA ILE B 274 -26.20 -5.52 -10.75
C ILE B 274 -27.38 -4.72 -10.21
N ALA B 275 -28.31 -4.32 -11.08
CA ALA B 275 -29.49 -3.54 -10.74
C ALA B 275 -30.30 -4.16 -9.62
N ASP B 276 -30.47 -5.48 -9.65
CA ASP B 276 -31.20 -6.25 -8.63
C ASP B 276 -30.46 -6.15 -7.28
N VAL B 277 -29.11 -6.16 -7.31
CA VAL B 277 -28.26 -6.03 -6.13
C VAL B 277 -28.45 -4.63 -5.55
N LEU B 278 -28.24 -3.57 -6.38
CA LEU B 278 -28.41 -2.15 -6.01
C LEU B 278 -29.81 -1.85 -5.48
N LEU B 279 -30.88 -2.52 -6.01
CA LEU B 279 -32.25 -2.31 -5.52
C LEU B 279 -32.48 -2.97 -4.16
N GLU B 280 -31.89 -4.13 -3.95
CA GLU B 280 -32.03 -4.93 -2.73
C GLU B 280 -31.16 -4.39 -1.60
N THR B 281 -29.89 -4.04 -1.89
CA THR B 281 -28.95 -3.56 -0.89
C THR B 281 -29.26 -2.13 -0.54
N ASN B 282 -29.99 -1.44 -1.44
CA ASN B 282 -30.40 -0.04 -1.33
C ASN B 282 -29.21 0.92 -1.35
N ILE B 283 -28.43 0.86 -2.46
CA ILE B 283 -27.30 1.79 -2.66
C ILE B 283 -27.94 3.19 -2.84
N ASP B 284 -27.35 4.22 -2.22
CA ASP B 284 -27.84 5.60 -2.22
C ASP B 284 -27.62 6.35 -3.55
N GLY B 285 -26.86 5.74 -4.45
CA GLY B 285 -26.54 6.29 -5.76
C GLY B 285 -25.64 5.38 -6.56
N MET B 286 -25.48 5.68 -7.83
CA MET B 286 -24.60 4.89 -8.69
C MET B 286 -23.93 5.83 -9.69
N ILE B 287 -22.56 5.84 -9.69
CA ILE B 287 -21.78 6.67 -10.59
C ILE B 287 -21.70 5.95 -11.94
N ILE B 288 -22.25 6.61 -13.00
CA ILE B 288 -22.32 6.05 -14.36
C ILE B 288 -21.67 7.03 -15.37
N SER B 289 -20.41 6.78 -15.77
CA SER B 289 -19.62 5.59 -15.42
C SER B 289 -18.13 5.91 -15.17
N ASN B 290 -17.26 4.91 -15.39
CA ASN B 290 -15.80 5.02 -15.28
C ASN B 290 -15.24 4.95 -16.71
N THR B 291 -13.90 4.93 -16.88
CA THR B 291 -13.20 4.91 -18.16
C THR B 291 -13.44 3.57 -18.83
N THR B 292 -13.48 3.58 -20.19
CA THR B 292 -13.75 2.42 -21.06
C THR B 292 -12.47 1.83 -21.68
N THR B 293 -12.57 0.62 -22.26
CA THR B 293 -11.48 -0.08 -22.94
C THR B 293 -11.93 -0.43 -24.37
N GLN B 294 -13.23 -0.18 -24.67
CA GLN B 294 -13.91 -0.45 -25.94
C GLN B 294 -13.52 0.49 -27.08
N ILE B 295 -13.11 1.73 -26.77
CA ILE B 295 -12.74 2.70 -27.81
C ILE B 295 -11.32 2.42 -28.29
N ASN B 296 -11.25 1.94 -29.52
CA ASN B 296 -10.03 1.57 -30.21
C ASN B 296 -9.91 2.32 -31.55
N ASP B 297 -10.80 3.31 -31.76
CA ASP B 297 -10.86 4.19 -32.94
C ASP B 297 -9.99 5.49 -32.76
N ILE B 298 -9.18 5.57 -31.68
CA ILE B 298 -8.24 6.68 -31.44
C ILE B 298 -6.83 6.19 -31.83
N LYS B 299 -6.21 6.86 -32.80
CA LYS B 299 -4.90 6.50 -33.35
C LYS B 299 -3.73 6.76 -32.41
N SER B 300 -3.79 7.82 -31.57
CA SER B 300 -2.71 8.14 -30.62
C SER B 300 -2.75 7.30 -29.33
N PHE B 301 -3.85 6.54 -29.11
CA PHE B 301 -4.04 5.68 -27.93
C PHE B 301 -3.89 4.18 -28.27
N GLU B 302 -3.33 3.89 -29.46
CA GLU B 302 -3.09 2.56 -30.02
C GLU B 302 -2.46 1.53 -29.03
N ASN B 303 -1.15 1.60 -28.77
CA ASN B 303 -0.44 0.67 -27.89
C ASN B 303 -0.25 1.19 -26.46
N LYS B 304 -1.01 2.25 -26.09
CA LYS B 304 -0.96 2.84 -24.75
C LYS B 304 -1.95 2.08 -23.88
N LYS B 305 -1.51 1.74 -22.66
CA LYS B 305 -2.29 1.01 -21.66
C LYS B 305 -3.23 1.96 -20.92
N GLY B 306 -4.38 1.45 -20.49
CA GLY B 306 -5.36 2.22 -19.74
C GLY B 306 -6.73 2.38 -20.36
N GLY B 307 -7.58 3.08 -19.61
CA GLY B 307 -8.96 3.38 -19.99
C GLY B 307 -9.16 4.75 -20.59
N VAL B 308 -10.01 4.80 -21.64
CA VAL B 308 -10.40 5.95 -22.45
C VAL B 308 -11.52 6.73 -21.77
N SER B 309 -11.29 8.03 -21.62
CA SER B 309 -12.18 9.03 -21.04
C SER B 309 -12.22 10.18 -22.05
N GLY B 310 -13.20 11.06 -21.92
CA GLY B 310 -13.33 12.20 -22.81
C GLY B 310 -14.48 12.10 -23.78
N ALA B 311 -14.47 12.95 -24.82
CA ALA B 311 -15.50 13.09 -25.86
C ALA B 311 -15.88 11.78 -26.60
N LYS B 312 -15.08 10.71 -26.48
CA LYS B 312 -15.36 9.41 -27.12
C LYS B 312 -16.21 8.52 -26.19
N LEU B 313 -16.11 8.71 -24.84
CA LEU B 313 -16.86 8.01 -23.77
C LEU B 313 -18.25 8.65 -23.53
N LYS B 314 -18.49 9.86 -24.09
CA LYS B 314 -19.77 10.58 -23.99
C LYS B 314 -20.99 9.68 -24.27
N ASP B 315 -21.12 9.17 -25.51
CA ASP B 315 -22.22 8.33 -25.98
C ASP B 315 -22.36 7.02 -25.23
N ILE B 316 -21.24 6.38 -24.86
CA ILE B 316 -21.22 5.11 -24.14
C ILE B 316 -21.83 5.27 -22.73
N SER B 317 -21.44 6.29 -21.98
CA SER B 317 -22.00 6.50 -20.66
C SER B 317 -23.50 6.88 -20.67
N THR B 318 -23.94 7.68 -21.67
CA THR B 318 -25.34 8.10 -21.82
C THR B 318 -26.26 6.89 -22.01
N LYS B 319 -25.84 5.94 -22.88
CA LYS B 319 -26.59 4.72 -23.16
C LYS B 319 -26.61 3.79 -21.92
N PHE B 320 -25.61 3.95 -21.00
CA PHE B 320 -25.49 3.18 -19.75
C PHE B 320 -26.34 3.82 -18.65
N ILE B 321 -26.52 5.18 -18.70
CA ILE B 321 -27.39 5.90 -17.76
C ILE B 321 -28.79 5.38 -18.01
N CYS B 322 -29.23 5.41 -19.29
CA CYS B 322 -30.53 4.95 -19.81
C CYS B 322 -30.92 3.57 -19.30
N GLU B 323 -30.06 2.56 -19.55
CA GLU B 323 -30.22 1.15 -19.18
C GLU B 323 -30.34 1.00 -17.68
N MET B 324 -29.31 1.49 -16.94
CA MET B 324 -29.24 1.42 -15.48
C MET B 324 -30.38 2.18 -14.76
N TYR B 325 -30.89 3.26 -15.37
CA TYR B 325 -32.03 4.02 -14.86
C TYR B 325 -33.31 3.19 -15.03
N ASN B 326 -33.35 2.24 -15.98
CA ASN B 326 -34.54 1.41 -16.18
C ASN B 326 -34.40 -0.02 -15.63
N TYR B 327 -33.18 -0.51 -15.42
CA TYR B 327 -33.02 -1.81 -14.79
C TYR B 327 -33.29 -1.63 -13.29
N THR B 328 -32.95 -0.45 -12.75
CA THR B 328 -33.17 -0.09 -11.35
C THR B 328 -34.53 0.61 -11.16
N ASN B 329 -35.38 0.62 -12.21
CA ASN B 329 -36.74 1.19 -12.23
C ASN B 329 -36.87 2.60 -11.67
N LYS B 330 -35.91 3.48 -12.04
CA LYS B 330 -35.78 4.90 -11.64
C LYS B 330 -35.51 5.13 -10.13
N GLN B 331 -35.33 4.06 -9.32
CA GLN B 331 -35.16 4.06 -7.86
C GLN B 331 -33.80 4.48 -7.34
N ILE B 332 -32.73 4.15 -8.07
CA ILE B 332 -31.35 4.42 -7.66
C ILE B 332 -30.83 5.69 -8.32
N PRO B 333 -30.63 6.84 -7.59
CA PRO B 333 -30.12 8.08 -8.23
C PRO B 333 -28.77 7.90 -8.94
N ILE B 334 -28.55 8.66 -10.04
CA ILE B 334 -27.38 8.56 -10.93
C ILE B 334 -26.50 9.83 -10.90
N ILE B 335 -25.19 9.60 -10.85
CA ILE B 335 -24.12 10.58 -10.87
C ILE B 335 -23.43 10.33 -12.24
N ALA B 336 -23.80 11.14 -13.26
CA ALA B 336 -23.22 11.01 -14.60
C ALA B 336 -21.73 11.33 -14.56
N SER B 337 -20.98 10.74 -15.45
CA SER B 337 -19.54 10.89 -15.64
C SER B 337 -19.17 10.16 -16.96
N GLY B 338 -18.35 10.82 -17.78
CA GLY B 338 -17.93 10.32 -19.07
C GLY B 338 -18.33 11.21 -20.23
N GLY B 339 -17.38 12.03 -20.70
CA GLY B 339 -17.55 12.92 -21.84
C GLY B 339 -18.44 14.13 -21.71
N ILE B 340 -18.66 14.65 -20.46
CA ILE B 340 -19.46 15.87 -20.25
C ILE B 340 -18.52 17.09 -20.47
N PHE B 341 -18.78 17.85 -21.57
CA PHE B 341 -18.01 19.04 -21.94
C PHE B 341 -18.90 20.26 -22.06
N SER B 342 -20.19 20.08 -22.36
CA SER B 342 -21.11 21.20 -22.55
C SER B 342 -22.42 21.07 -21.78
N GLY B 343 -23.22 22.14 -21.82
CA GLY B 343 -24.56 22.19 -21.24
C GLY B 343 -25.48 21.19 -21.93
N LEU B 344 -25.29 21.00 -23.27
CA LEU B 344 -26.05 20.04 -24.07
C LEU B 344 -25.66 18.62 -23.69
N ASP B 345 -24.34 18.38 -23.44
CA ASP B 345 -23.78 17.10 -22.99
C ASP B 345 -24.34 16.80 -21.59
N ALA B 346 -24.40 17.83 -20.73
CA ALA B 346 -24.93 17.80 -19.36
C ALA B 346 -26.45 17.49 -19.35
N LEU B 347 -27.25 18.19 -20.21
CA LEU B 347 -28.69 17.99 -20.34
C LEU B 347 -28.97 16.58 -20.84
N GLU B 348 -28.17 16.09 -21.83
CA GLU B 348 -28.24 14.73 -22.38
C GLU B 348 -28.17 13.68 -21.24
N LYS B 349 -27.22 13.90 -20.29
CA LYS B 349 -27.01 13.06 -19.11
C LYS B 349 -28.21 13.17 -18.16
N ILE B 350 -28.59 14.42 -17.77
CA ILE B 350 -29.71 14.66 -16.85
C ILE B 350 -30.98 13.99 -17.36
N GLU B 351 -31.33 14.21 -18.65
CA GLU B 351 -32.50 13.63 -19.32
C GLU B 351 -32.43 12.11 -19.41
N ALA B 352 -31.23 11.51 -19.51
CA ALA B 352 -31.09 10.05 -19.53
C ALA B 352 -31.37 9.43 -18.13
N GLY B 353 -31.31 10.25 -17.08
CA GLY B 353 -31.59 9.85 -15.71
C GLY B 353 -30.62 10.32 -14.64
N ALA B 354 -29.68 11.23 -15.00
CA ALA B 354 -28.67 11.73 -14.07
C ALA B 354 -29.17 12.87 -13.19
N SER B 355 -28.85 12.80 -11.90
CA SER B 355 -29.25 13.85 -10.98
C SER B 355 -28.15 14.88 -10.94
N VAL B 356 -26.91 14.42 -11.12
CA VAL B 356 -25.74 15.30 -11.05
C VAL B 356 -24.68 14.95 -12.16
N CYS B 357 -23.87 15.95 -12.55
CA CYS B 357 -22.85 15.81 -13.60
C CYS B 357 -21.45 15.96 -13.06
N GLN B 358 -20.63 14.93 -13.23
CA GLN B 358 -19.25 14.89 -12.77
C GLN B 358 -18.29 15.20 -13.93
N LEU B 359 -17.36 16.18 -13.74
CA LEU B 359 -16.38 16.58 -14.75
C LEU B 359 -14.98 16.07 -14.47
N TYR B 360 -14.21 15.90 -15.55
CA TYR B 360 -12.80 15.50 -15.54
C TYR B 360 -12.10 15.98 -16.81
N SER B 361 -12.34 15.34 -17.99
CA SER B 361 -11.70 15.71 -19.27
C SER B 361 -12.02 17.12 -19.75
N CYS B 362 -13.11 17.72 -19.23
CA CYS B 362 -13.49 19.10 -19.55
C CYS B 362 -12.48 20.06 -18.90
N LEU B 363 -12.09 19.79 -17.64
CA LEU B 363 -11.11 20.58 -16.89
C LEU B 363 -9.74 20.50 -17.52
N VAL B 364 -9.44 19.36 -18.14
CA VAL B 364 -8.18 19.09 -18.83
C VAL B 364 -8.11 19.83 -20.18
N PHE B 365 -9.16 19.71 -21.03
CA PHE B 365 -9.19 20.29 -22.38
C PHE B 365 -9.67 21.73 -22.47
N ASN B 366 -10.74 22.08 -21.72
CA ASN B 366 -11.29 23.45 -21.77
C ASN B 366 -10.73 24.38 -20.68
N GLY B 367 -10.06 23.82 -19.68
CA GLY B 367 -9.43 24.56 -18.61
C GLY B 367 -10.33 24.98 -17.46
N MET B 368 -9.82 25.91 -16.65
CA MET B 368 -10.42 26.48 -15.45
C MET B 368 -11.84 27.02 -15.64
N LYS B 369 -12.20 27.42 -16.88
CA LYS B 369 -13.51 27.99 -17.22
C LYS B 369 -14.65 26.96 -17.26
N SER B 370 -14.31 25.66 -17.27
CA SER B 370 -15.25 24.51 -17.36
C SER B 370 -16.62 24.74 -16.67
N ALA B 371 -16.65 24.79 -15.33
CA ALA B 371 -17.86 24.97 -14.52
C ALA B 371 -18.59 26.31 -14.74
N VAL B 372 -17.88 27.40 -15.09
CA VAL B 372 -18.52 28.70 -15.37
C VAL B 372 -19.36 28.57 -16.65
N GLN B 373 -18.71 28.14 -17.75
CA GLN B 373 -19.29 27.96 -19.08
C GLN B 373 -20.38 26.93 -19.10
N ILE B 374 -20.17 25.77 -18.48
CA ILE B 374 -21.11 24.65 -18.46
C ILE B 374 -22.40 24.97 -17.66
N LYS B 375 -22.31 25.72 -16.54
CA LYS B 375 -23.49 26.11 -15.76
C LYS B 375 -24.34 27.04 -16.61
N ARG B 376 -23.69 28.07 -17.21
CA ARG B 376 -24.23 29.09 -18.10
C ARG B 376 -24.88 28.40 -19.32
N GLU B 377 -24.13 27.51 -20.01
CA GLU B 377 -24.56 26.76 -21.19
C GLU B 377 -25.81 25.98 -20.88
N LEU B 378 -25.80 25.20 -19.76
CA LEU B 378 -26.94 24.42 -19.29
C LEU B 378 -28.17 25.27 -18.95
N ASN B 379 -27.99 26.36 -18.17
CA ASN B 379 -29.08 27.25 -17.78
C ASN B 379 -29.78 27.86 -18.98
N HIS B 380 -29.03 28.15 -20.07
CA HIS B 380 -29.57 28.67 -21.33
C HIS B 380 -30.57 27.67 -21.92
N LEU B 381 -30.15 26.40 -21.95
CA LEU B 381 -30.88 25.26 -22.48
C LEU B 381 -32.08 24.86 -21.62
N LEU B 382 -31.96 24.95 -20.27
CA LEU B 382 -33.05 24.59 -19.36
C LEU B 382 -34.25 25.49 -19.58
N TYR B 383 -33.98 26.78 -19.87
CA TYR B 383 -34.97 27.78 -20.22
C TYR B 383 -35.46 27.51 -21.64
N GLN B 384 -34.55 27.37 -22.62
CA GLN B 384 -34.86 27.08 -24.03
C GLN B 384 -35.79 25.88 -24.21
N ARG B 385 -35.61 24.84 -23.38
CA ARG B 385 -36.42 23.63 -23.43
C ARG B 385 -37.75 23.79 -22.66
N GLY B 386 -37.80 24.77 -21.75
CA GLY B 386 -38.99 25.10 -20.97
C GLY B 386 -39.16 24.43 -19.63
N TYR B 387 -38.06 23.96 -19.01
CA TYR B 387 -38.15 23.33 -17.69
C TYR B 387 -38.24 24.40 -16.60
N TYR B 388 -39.16 24.21 -15.60
CA TYR B 388 -39.29 25.13 -14.46
C TYR B 388 -37.98 25.07 -13.64
N ASN B 389 -37.38 23.85 -13.56
CA ASN B 389 -36.11 23.59 -12.90
C ASN B 389 -35.42 22.32 -13.44
N LEU B 390 -34.22 22.02 -12.90
CA LEU B 390 -33.43 20.87 -13.28
C LEU B 390 -34.12 19.59 -12.86
N LYS B 391 -34.67 19.57 -11.61
CA LYS B 391 -35.32 18.38 -11.05
C LYS B 391 -36.47 17.85 -11.93
N GLU B 392 -37.03 18.73 -12.79
CA GLU B 392 -38.10 18.42 -13.75
C GLU B 392 -37.53 17.67 -14.99
N ALA B 393 -36.24 17.89 -15.32
CA ALA B 393 -35.53 17.31 -16.47
C ALA B 393 -34.98 15.89 -16.25
N ILE B 394 -34.68 15.53 -14.98
CA ILE B 394 -34.12 14.23 -14.59
C ILE B 394 -34.99 13.09 -15.12
N GLY B 395 -34.46 12.35 -16.11
CA GLY B 395 -35.11 11.21 -16.74
C GLY B 395 -36.24 11.48 -17.72
N ARG B 396 -36.37 12.75 -18.20
CA ARG B 396 -37.43 13.18 -19.13
C ARG B 396 -37.28 12.61 -20.57
N LYS B 397 -36.16 11.91 -20.86
CA LYS B 397 -35.94 11.27 -22.16
C LYS B 397 -36.90 10.06 -22.25
N HIS B 398 -37.03 9.33 -21.11
CA HIS B 398 -37.87 8.14 -20.90
C HIS B 398 -39.38 8.47 -20.79
N SER B 399 -39.73 9.78 -20.76
CA SER B 399 -41.12 10.25 -20.65
C SER B 399 -41.92 10.11 -21.96
N1 FMN C . 21.13 -7.92 11.51
C2 FMN C . 21.12 -7.40 10.25
O2 FMN C . 20.10 -6.88 9.80
N3 FMN C . 22.25 -7.44 9.45
C4 FMN C . 23.49 -7.93 9.82
O4 FMN C . 24.41 -7.97 9.00
C4A FMN C . 23.52 -8.44 11.22
N5 FMN C . 24.66 -8.88 11.69
C5A FMN C . 24.66 -9.43 12.97
C6 FMN C . 25.84 -10.02 13.44
C7 FMN C . 25.88 -10.69 14.66
C7M FMN C . 27.15 -11.34 15.10
C8 FMN C . 24.70 -10.75 15.45
C8M FMN C . 24.69 -11.45 16.79
C9 FMN C . 23.53 -10.15 15.00
C9A FMN C . 23.49 -9.50 13.76
N10 FMN C . 22.30 -8.96 13.23
C10 FMN C . 22.27 -8.42 11.96
C1' FMN C . 21.07 -8.92 14.05
C2' FMN C . 20.22 -10.16 13.89
O2' FMN C . 19.66 -10.22 12.58
C3' FMN C . 19.09 -10.21 14.93
O3' FMN C . 18.07 -9.28 14.56
C4' FMN C . 19.53 -9.98 16.36
O4' FMN C . 20.60 -10.88 16.68
C5' FMN C . 18.41 -10.06 17.37
O5' FMN C . 17.77 -11.35 17.37
P FMN C . 18.21 -12.50 18.44
O1P FMN C . 17.23 -13.64 18.22
O2P FMN C . 19.66 -12.90 18.21
O3P FMN C . 17.98 -11.92 19.81
N1 ORO D . 25.26 -5.85 13.71
C2 ORO D . 24.03 -5.75 14.31
O2 ORO D . 23.89 -5.85 15.53
N3 ORO D . 22.98 -5.42 13.48
C4 ORO D . 23.08 -5.08 12.13
O4 ORO D . 22.07 -4.70 11.52
C5 ORO D . 24.40 -5.15 11.59
C6 ORO D . 25.45 -5.53 12.38
C7 ORO D . 26.84 -5.63 11.90
O71 ORO D . 27.76 -5.40 12.67
O72 ORO D . 27.02 -5.99 10.67
C XBL E . 28.89 -21.89 19.39
C1 XBL E . 28.92 -20.47 18.97
N2 XBL E . 28.31 -19.99 17.83
N3 XBL E . 27.56 -20.71 16.93
C3 XBL E . 27.04 -20.07 15.95
C13 XBL E . 27.18 -18.63 15.77
C18 XBL E . 26.55 -17.94 14.73
C17 XBL E . 26.72 -16.57 14.59
C16 XBL E . 27.53 -15.87 15.47
C15 XBL E . 28.16 -16.53 16.53
C14 XBL E . 27.99 -17.91 16.69
C2 XBL E . 28.58 -18.63 17.80
N1 XBL E . 29.31 -18.33 18.85
N XBL E . 29.52 -19.49 19.59
N4 XBL E . 26.36 -20.88 15.04
C8 XBL E . 27.02 -21.08 13.74
C7 XBL E . 26.13 -21.82 12.78
C9 XBL E . 26.39 -21.75 11.40
C10 XBL E . 25.57 -22.38 10.49
C11 XBL E . 24.48 -23.10 10.92
C12 XBL E . 24.21 -23.20 12.27
C6 XBL E . 25.02 -22.56 13.22
C5 XBL E . 24.64 -22.61 14.68
C4 XBL E . 25.77 -22.12 15.57
N1 FMN F . -12.08 7.62 -11.45
C2 FMN F . -12.16 7.09 -10.19
O2 FMN F . -13.22 6.67 -9.76
N3 FMN F . -11.04 7.05 -9.37
C4 FMN F . -9.76 7.46 -9.73
O4 FMN F . -8.85 7.42 -8.90
C4A FMN F . -9.66 7.96 -11.12
N5 FMN F . -8.48 8.31 -11.57
C5A FMN F . -8.42 8.87 -12.85
C6 FMN F . -7.19 9.36 -13.32
C7 FMN F . -7.08 10.02 -14.54
C7M FMN F . -5.74 10.53 -14.98
C8 FMN F . -8.23 10.18 -15.33
C8M FMN F . -8.17 10.89 -16.66
C9 FMN F . -9.45 9.68 -14.88
C9A FMN F . -9.57 9.03 -13.66
N10 FMN F . -10.81 8.58 -13.14
C10 FMN F . -10.89 8.04 -11.89
C1' FMN F . -12.02 8.62 -13.98
C2' FMN F . -12.77 9.93 -13.84
O2' FMN F . -13.35 10.02 -12.54
C3' FMN F . -13.88 10.05 -14.90
O3' FMN F . -14.95 9.18 -14.55
C4' FMN F . -13.42 9.78 -16.33
O4' FMN F . -12.28 10.59 -16.64
C5' FMN F . -14.51 9.92 -17.37
O5' FMN F . -15.05 11.27 -17.36
P FMN F . -14.52 12.39 -18.41
O1P FMN F . -15.43 13.60 -18.21
O2P FMN F . -13.09 12.69 -18.18
O3P FMN F . -14.77 11.83 -19.81
N1 ORO G . -8.10 5.25 -13.61
C2 ORO G . -9.33 5.26 -14.22
O2 ORO G . -9.43 5.37 -15.44
N3 ORO G . -10.41 5.00 -13.40
C4 ORO G . -10.34 4.65 -12.06
O4 ORO G . -11.39 4.33 -11.46
C5 ORO G . -9.03 4.62 -11.50
C6 ORO G . -7.95 4.93 -12.28
C7 ORO G . -6.56 4.91 -11.79
O71 ORO G . -5.64 4.59 -12.55
O72 ORO G . -6.38 5.25 -10.55
C XBL H . -3.14 20.37 -19.39
C1 XBL H . -3.34 18.98 -18.92
N2 XBL H . -3.94 18.65 -17.72
N3 XBL H . -4.50 19.52 -16.80
C3 XBL H . -5.09 19.00 -15.78
C13 XBL H . -5.20 17.56 -15.57
C18 XBL H . -5.87 17.01 -14.48
C17 XBL H . -5.92 15.64 -14.30
C16 XBL H . -5.31 14.79 -15.20
C15 XBL H . -4.66 15.32 -16.32
C14 XBL H . -4.60 16.69 -16.52
C2 XBL H . -3.94 17.27 -17.68
N1 XBL H . -3.36 16.80 -18.75
N XBL H . -2.98 17.89 -19.54
N4 XBL H . -5.57 19.95 -14.86
C8 XBL H . -5.05 19.92 -13.50
C7 XBL H . -5.85 20.83 -12.57
C9 XBL H . -5.68 20.71 -11.20
C10 XBL H . -6.39 21.51 -10.32
C11 XBL H . -7.26 22.46 -10.81
C12 XBL H . -7.44 22.60 -12.18
C6 XBL H . -6.74 21.79 -13.08
C5 XBL H . -6.95 21.95 -14.56
C4 XBL H . -5.83 21.31 -15.36
#